data_3VS0
#
_entry.id   3VS0
#
_cell.length_a   73.720
_cell.length_b   96.050
_cell.length_c   181.650
_cell.angle_alpha   90.00
_cell.angle_beta   90.00
_cell.angle_gamma   90.00
#
_symmetry.space_group_name_H-M   'P 21 21 21'
#
loop_
_entity.id
_entity.type
_entity.pdbx_description
1 polymer 'Tyrosine-protein kinase HCK'
2 non-polymer 'CALCIUM ION'
3 non-polymer 'CHLORIDE ION'
4 non-polymer N-[4-(4-amino-7-cyclopentyl-7H-pyrrolo[2,3-d]pyrimidin-5-yl)phenyl]benzamide
5 water water
#
_entity_poly.entity_id   1
_entity_poly.type   'polypeptide(L)'
_entity_poly.pdbx_seq_one_letter_code
;GAMGSGIRIIVVALYDYEAIHHEDLSFQKGDQMVVLEESGEWWKARSLATRKEGYIPSNYVARVDSLETEEWFFKGISRK
DAERQLLAPGNMLGSFMIRDSETTKGSYSLSVRDYDPRQGDTVKHYKIRTLDNGGFYISPRSTFSTLQELVDHYKKGNDG
LCQKLSVPCMSSKPQKPWEKDAWEIPRESLKLEKKLGAGQFGEVWMATYNKHTKVAVKTMKPGSMSVEAFLAEANVMKTL
QHDKLVKLHAVVTKEPIYIITEFMAKGSLLDFLKSDEGSKQPLPKLIDFSAQIAEGMAFIEQRNYIHRDLRAANILVSAS
LVCKIADFGLARVIEDNEYTAREGAKFPIKWTAPEAINFGSFTIKSDVWSFGILLMEIVTYGRIPYPGMSNPEVIRALER
GYRMPRPENCPEELYNIMMRCWKNRPEERPTFEYIQSVLDDFYTATESQ(PTR)EEIP
;
_entity_poly.pdbx_strand_id   A,B
#
# COMPACT_ATOMS: atom_id res chain seq x y z
N ARG A 8 -19.16 -1.41 44.04
CA ARG A 8 -18.18 -0.37 44.29
C ARG A 8 -17.15 -0.29 43.16
N ILE A 9 -16.91 0.92 42.68
CA ILE A 9 -15.96 1.13 41.59
C ILE A 9 -15.01 2.29 41.91
N ILE A 10 -13.75 1.96 42.18
CA ILE A 10 -12.75 2.99 42.49
C ILE A 10 -11.97 3.38 41.24
N VAL A 11 -11.78 4.68 41.05
CA VAL A 11 -10.96 5.19 39.96
C VAL A 11 -9.88 6.12 40.52
N VAL A 12 -8.96 6.55 39.66
CA VAL A 12 -7.85 7.40 40.10
C VAL A 12 -7.48 8.46 39.06
N ALA A 13 -7.23 9.68 39.53
CA ALA A 13 -6.88 10.79 38.66
C ALA A 13 -5.53 10.56 37.97
N LEU A 14 -5.48 10.89 36.68
CA LEU A 14 -4.27 10.71 35.89
C LEU A 14 -3.57 12.05 35.69
N TYR A 15 -4.33 13.13 35.82
CA TYR A 15 -3.79 14.49 35.71
C TYR A 15 -4.48 15.41 36.70
N ASP A 16 -3.99 16.64 36.81
CA ASP A 16 -4.62 17.64 37.65
C ASP A 16 -5.80 18.28 36.93
N TYR A 17 -6.89 18.50 37.66
CA TYR A 17 -8.07 19.15 37.09
C TYR A 17 -8.65 20.17 38.05
N GLU A 18 -8.76 21.41 37.60
CA GLU A 18 -9.45 22.45 38.35
C GLU A 18 -10.86 22.63 37.82
N ALA A 19 -11.84 22.69 38.72
CA ALA A 19 -13.24 22.82 38.34
C ALA A 19 -13.51 24.17 37.68
N ILE A 20 -14.41 24.17 36.70
CA ILE A 20 -14.76 25.39 35.99
C ILE A 20 -16.27 25.60 35.97
N HIS A 21 -17.02 24.55 36.30
CA HIS A 21 -18.48 24.61 36.30
C HIS A 21 -19.03 24.63 37.72
N HIS A 22 -20.35 24.50 37.83
CA HIS A 22 -21.02 24.48 39.13
C HIS A 22 -20.73 23.20 39.88
N GLU A 23 -21.29 22.10 39.38
CA GLU A 23 -21.28 20.83 40.09
C GLU A 23 -20.21 19.86 39.59
N ASP A 24 -19.02 20.37 39.28
CA ASP A 24 -17.90 19.51 38.91
C ASP A 24 -16.79 19.58 39.96
N LEU A 25 -16.03 18.51 40.08
CA LEU A 25 -15.05 18.37 41.16
C LEU A 25 -13.62 18.76 40.76
N SER A 26 -12.86 19.23 41.73
CA SER A 26 -11.43 19.50 41.55
C SER A 26 -10.63 18.38 42.19
N PHE A 27 -9.59 17.92 41.49
CA PHE A 27 -8.75 16.85 42.03
C PHE A 27 -7.30 16.92 41.54
N GLN A 28 -6.38 16.60 42.46
CA GLN A 28 -4.97 16.51 42.11
C GLN A 28 -4.68 15.17 41.45
N LYS A 29 -3.47 15.03 40.91
CA LYS A 29 -3.06 13.76 40.31
C LYS A 29 -2.83 12.71 41.38
N GLY A 30 -3.55 11.60 41.28
CA GLY A 30 -3.41 10.53 42.25
C GLY A 30 -4.60 10.41 43.18
N ASP A 31 -5.46 11.42 43.17
CA ASP A 31 -6.70 11.39 43.94
C ASP A 31 -7.56 10.21 43.50
N GLN A 32 -8.24 9.59 44.44
CA GLN A 32 -9.15 8.50 44.13
C GLN A 32 -10.58 8.92 44.42
N MET A 33 -11.54 8.24 43.78
CA MET A 33 -12.95 8.56 43.97
C MET A 33 -13.86 7.40 43.56
N VAL A 34 -15.06 7.38 44.12
CA VAL A 34 -16.03 6.33 43.85
C VAL A 34 -16.99 6.75 42.75
N VAL A 35 -17.06 5.95 41.69
CA VAL A 35 -17.97 6.22 40.58
C VAL A 35 -19.42 6.03 41.02
N LEU A 36 -20.22 7.08 40.89
CA LEU A 36 -21.63 7.03 41.29
C LEU A 36 -22.54 6.96 40.07
N GLU A 37 -22.09 7.56 38.97
CA GLU A 37 -22.87 7.58 37.74
C GLU A 37 -21.96 7.61 36.52
N GLU A 38 -22.41 7.00 35.43
CA GLU A 38 -21.62 6.94 34.21
C GLU A 38 -22.34 7.64 33.05
N SER A 39 -22.32 8.97 33.08
CA SER A 39 -23.07 9.79 32.12
C SER A 39 -22.23 10.16 30.90
N GLY A 40 -21.50 9.18 30.37
CA GLY A 40 -20.70 9.40 29.17
C GLY A 40 -19.39 10.10 29.45
N GLU A 41 -19.23 11.30 28.87
CA GLU A 41 -17.99 12.06 29.02
C GLU A 41 -17.80 12.57 30.46
N TRP A 42 -18.91 12.84 31.13
CA TRP A 42 -18.87 13.27 32.52
C TRP A 42 -19.42 12.19 33.46
N TRP A 43 -18.74 12.00 34.58
CA TRP A 43 -19.17 11.02 35.58
C TRP A 43 -19.41 11.68 36.92
N LYS A 44 -20.48 11.28 37.60
CA LYS A 44 -20.72 11.73 38.97
C LYS A 44 -19.91 10.85 39.91
N ALA A 45 -19.00 11.45 40.66
CA ALA A 45 -18.12 10.70 41.55
C ALA A 45 -18.02 11.36 42.92
N ARG A 46 -17.71 10.56 43.93
CA ARG A 46 -17.43 11.10 45.25
C ARG A 46 -15.94 10.97 45.54
N SER A 47 -15.25 12.10 45.61
CA SER A 47 -13.84 12.15 45.95
C SER A 47 -13.60 11.45 47.28
N LEU A 48 -12.41 10.86 47.43
CA LEU A 48 -12.06 10.23 48.70
C LEU A 48 -11.22 11.20 49.52
N ALA A 49 -10.61 12.16 48.83
CA ALA A 49 -9.75 13.15 49.48
C ALA A 49 -10.55 14.27 50.12
N THR A 50 -11.64 14.67 49.47
CA THR A 50 -12.48 15.76 49.96
C THR A 50 -13.86 15.27 50.38
N ARG A 51 -14.19 14.04 49.97
CA ARG A 51 -15.49 13.43 50.23
C ARG A 51 -16.63 14.25 49.65
N LYS A 52 -16.34 14.99 48.58
CA LYS A 52 -17.34 15.78 47.88
C LYS A 52 -17.92 15.02 46.70
N GLU A 53 -19.24 15.07 46.56
CA GLU A 53 -19.91 14.45 45.42
C GLU A 53 -20.12 15.46 44.31
N GLY A 54 -19.72 15.12 43.10
CA GLY A 54 -19.84 16.00 41.96
C GLY A 54 -19.48 15.33 40.65
N TYR A 55 -19.27 16.13 39.61
CA TYR A 55 -19.01 15.59 38.28
C TYR A 55 -17.53 15.66 37.87
N ILE A 56 -17.06 14.63 37.19
CA ILE A 56 -15.67 14.54 36.74
C ILE A 56 -15.61 14.07 35.29
N PRO A 57 -14.56 14.51 34.56
CA PRO A 57 -14.34 14.00 33.19
C PRO A 57 -13.86 12.56 33.21
N SER A 58 -14.61 11.67 32.56
CA SER A 58 -14.31 10.24 32.57
C SER A 58 -12.99 9.92 31.88
N ASN A 59 -12.53 10.81 31.01
CA ASN A 59 -11.27 10.62 30.30
C ASN A 59 -10.08 11.16 31.07
N TYR A 60 -10.29 11.46 32.35
CA TYR A 60 -9.22 11.96 33.21
C TYR A 60 -8.85 10.93 34.27
N VAL A 61 -9.66 9.88 34.37
CA VAL A 61 -9.43 8.81 35.34
C VAL A 61 -9.52 7.43 34.70
N ALA A 62 -9.08 6.42 35.44
CA ALA A 62 -9.21 5.03 35.04
C ALA A 62 -9.28 4.19 36.30
N ARG A 63 -9.67 2.92 36.16
CA ARG A 63 -9.79 2.04 37.32
C ARG A 63 -8.45 1.84 38.03
N VAL A 64 -8.51 1.60 39.33
CA VAL A 64 -7.30 1.52 40.16
C VAL A 64 -6.39 0.35 39.78
N ASP A 65 -5.10 0.61 39.77
CA ASP A 65 -4.08 -0.37 39.38
C ASP A 65 -4.32 -1.00 38.01
N SER A 66 -4.96 -0.25 37.13
CA SER A 66 -5.03 -0.62 35.72
C SER A 66 -3.71 -0.20 35.09
N LEU A 67 -3.45 -0.65 33.87
CA LEU A 67 -2.21 -0.32 33.19
C LEU A 67 -2.14 1.16 32.82
N GLU A 68 -3.30 1.76 32.58
CA GLU A 68 -3.38 3.17 32.21
C GLU A 68 -2.81 4.07 33.30
N THR A 69 -2.93 3.61 34.55
CA THR A 69 -2.41 4.33 35.70
C THR A 69 -0.89 4.46 35.60
N GLU A 70 -0.26 3.43 35.06
CA GLU A 70 1.19 3.42 34.89
C GLU A 70 1.66 4.48 33.91
N GLU A 71 2.80 5.09 34.24
CA GLU A 71 3.28 6.26 33.51
C GLU A 71 3.85 5.93 32.13
N TRP A 72 4.17 4.66 31.90
CA TRP A 72 4.77 4.25 30.64
C TRP A 72 3.77 3.57 29.69
N PHE A 73 2.52 3.40 30.14
CA PHE A 73 1.52 2.76 29.30
C PHE A 73 0.64 3.78 28.58
N PHE A 74 0.30 3.47 27.34
CA PHE A 74 -0.54 4.34 26.51
C PHE A 74 -1.65 3.54 25.85
N LYS A 75 -2.89 3.86 26.20
CA LYS A 75 -4.05 3.11 25.71
C LYS A 75 -4.59 3.65 24.40
N GLY A 76 -5.01 2.74 23.52
CA GLY A 76 -5.66 3.09 22.27
C GLY A 76 -4.84 3.99 21.36
N ILE A 77 -3.52 3.77 21.36
CA ILE A 77 -2.64 4.54 20.49
C ILE A 77 -2.04 3.67 19.38
N SER A 78 -1.99 4.22 18.17
CA SER A 78 -1.47 3.48 17.03
C SER A 78 0.05 3.60 16.97
N ARG A 79 0.67 2.77 16.14
CA ARG A 79 2.12 2.77 15.97
C ARG A 79 2.61 4.12 15.44
N LYS A 80 1.78 4.75 14.60
CA LYS A 80 2.14 6.03 14.00
C LYS A 80 1.99 7.19 15.00
N ASP A 81 0.96 7.12 15.83
CA ASP A 81 0.76 8.10 16.89
C ASP A 81 1.86 7.97 17.93
N ALA A 82 2.20 6.74 18.27
CA ALA A 82 3.28 6.44 19.21
C ALA A 82 4.60 6.98 18.67
N GLU A 83 4.74 6.95 17.35
CA GLU A 83 5.91 7.51 16.68
C GLU A 83 5.89 9.03 16.77
N ARG A 84 4.72 9.62 16.57
CA ARG A 84 4.56 11.07 16.65
C ARG A 84 4.74 11.59 18.08
N GLN A 85 4.18 10.85 19.04
CA GLN A 85 4.23 11.24 20.44
C GLN A 85 5.65 11.22 20.99
N LEU A 86 6.46 10.27 20.52
CA LEU A 86 7.83 10.11 20.98
C LEU A 86 8.78 11.12 20.31
N LEU A 87 8.50 11.42 19.03
CA LEU A 87 9.32 12.39 18.30
C LEU A 87 8.84 13.83 18.55
N ALA A 88 8.00 13.99 19.57
CA ALA A 88 7.57 15.31 20.00
C ALA A 88 8.70 15.98 20.77
N PRO A 89 8.62 17.30 20.97
CA PRO A 89 9.62 17.94 21.83
C PRO A 89 9.43 17.52 23.29
N GLY A 90 10.52 17.43 24.04
CA GLY A 90 10.42 17.08 25.46
C GLY A 90 10.88 15.67 25.77
N ASN A 91 11.09 14.86 24.73
CA ASN A 91 11.61 13.52 24.90
C ASN A 91 13.04 13.43 24.40
N MET A 92 13.75 12.38 24.77
CA MET A 92 15.13 12.19 24.30
C MET A 92 15.45 10.71 24.06
N LEU A 93 16.74 10.42 23.88
CA LEU A 93 17.21 9.06 23.67
C LEU A 93 16.78 8.12 24.81
N GLY A 94 16.07 7.06 24.45
CA GLY A 94 15.62 6.09 25.43
C GLY A 94 14.18 6.28 25.85
N SER A 95 13.60 7.42 25.48
CA SER A 95 12.20 7.70 25.78
C SER A 95 11.30 6.63 25.16
N PHE A 96 10.42 6.05 25.98
CA PHE A 96 9.66 4.88 25.56
C PHE A 96 8.20 4.94 25.98
N MET A 97 7.47 3.91 25.59
CA MET A 97 6.08 3.74 25.98
C MET A 97 5.63 2.31 25.71
N ILE A 98 4.64 1.85 26.46
CA ILE A 98 4.04 0.55 26.22
C ILE A 98 2.57 0.74 25.84
N ARG A 99 2.15 0.12 24.75
CA ARG A 99 0.83 0.39 24.20
C ARG A 99 0.15 -0.87 23.68
N ASP A 100 -1.16 -0.79 23.47
CA ASP A 100 -1.92 -1.86 22.86
C ASP A 100 -1.39 -2.14 21.46
N SER A 101 -0.97 -3.37 21.23
CA SER A 101 -0.46 -3.76 19.92
C SER A 101 -1.56 -3.60 18.87
N GLU A 102 -1.35 -2.67 17.95
CA GLU A 102 -2.33 -2.33 16.93
C GLU A 102 -2.65 -3.52 16.02
N THR A 103 -1.63 -4.34 15.78
CA THR A 103 -1.77 -5.49 14.88
C THR A 103 -2.11 -6.78 15.63
N THR A 104 -1.29 -7.13 16.61
CA THR A 104 -1.57 -8.28 17.46
C THR A 104 -2.51 -7.86 18.59
N LYS A 105 -3.81 -7.80 18.29
CA LYS A 105 -4.80 -7.28 19.23
C LYS A 105 -4.91 -8.10 20.51
N GLY A 106 -5.20 -7.42 21.61
CA GLY A 106 -5.27 -8.06 22.91
C GLY A 106 -3.89 -8.21 23.53
N SER A 107 -2.87 -7.74 22.80
CA SER A 107 -1.49 -7.83 23.27
C SER A 107 -0.85 -6.44 23.30
N TYR A 108 0.42 -6.39 23.68
CA TYR A 108 1.09 -5.11 23.90
C TYR A 108 2.39 -4.97 23.11
N SER A 109 2.69 -3.75 22.66
CA SER A 109 3.94 -3.45 21.99
C SER A 109 4.71 -2.37 22.74
N LEU A 110 6.02 -2.33 22.52
CA LEU A 110 6.89 -1.34 23.15
C LEU A 110 7.55 -0.46 22.10
N SER A 111 7.29 0.84 22.15
CA SER A 111 7.92 1.78 21.24
C SER A 111 9.04 2.54 21.95
N VAL A 112 10.22 2.54 21.36
CA VAL A 112 11.40 3.16 21.98
C VAL A 112 12.04 4.18 21.05
N ARG A 113 12.34 5.36 21.58
CA ARG A 113 13.02 6.39 20.81
C ARG A 113 14.50 6.05 20.67
N ASP A 114 15.03 6.24 19.46
CA ASP A 114 16.40 5.85 19.15
C ASP A 114 17.01 6.79 18.12
N TYR A 115 18.32 6.99 18.19
CA TYR A 115 19.01 7.84 17.23
C TYR A 115 19.71 7.02 16.15
N ASP A 116 19.84 7.59 14.96
CA ASP A 116 20.52 6.96 13.85
C ASP A 116 21.10 8.00 12.91
N PRO A 117 22.44 8.04 12.80
CA PRO A 117 23.22 8.93 11.94
C PRO A 117 22.61 9.14 10.55
N ARG A 118 22.06 8.08 9.97
CA ARG A 118 21.47 8.14 8.63
C ARG A 118 20.31 9.12 8.56
N GLN A 119 19.44 9.08 9.56
CA GLN A 119 18.20 9.85 9.52
C GLN A 119 18.06 10.82 10.70
N GLY A 120 18.65 10.46 11.83
CA GLY A 120 18.52 11.26 13.04
C GLY A 120 17.70 10.52 14.08
N ASP A 121 16.76 11.21 14.71
CA ASP A 121 15.87 10.57 15.67
C ASP A 121 14.87 9.67 14.97
N THR A 122 14.63 8.50 15.57
CA THR A 122 13.66 7.55 15.04
C THR A 122 12.93 6.87 16.17
N VAL A 123 11.86 6.16 15.84
CA VAL A 123 11.17 5.32 16.82
C VAL A 123 11.14 3.90 16.31
N LYS A 124 11.66 2.97 17.12
CA LYS A 124 11.63 1.56 16.76
C LYS A 124 10.63 0.82 17.64
N HIS A 125 10.00 -0.20 17.08
CA HIS A 125 8.92 -0.89 17.78
C HIS A 125 9.23 -2.37 17.98
N TYR A 126 8.99 -2.86 19.19
CA TYR A 126 9.21 -4.27 19.51
C TYR A 126 7.90 -4.86 20.02
N LYS A 127 7.61 -6.09 19.61
CA LYS A 127 6.42 -6.77 20.09
C LYS A 127 6.71 -7.55 21.37
N ILE A 128 5.72 -7.60 22.26
CA ILE A 128 5.85 -8.34 23.51
C ILE A 128 4.83 -9.47 23.54
N ARG A 129 5.26 -10.64 23.99
CA ARG A 129 4.42 -11.84 23.95
C ARG A 129 3.95 -12.22 25.35
N GLY A 135 2.25 -14.06 31.53
CA GLY A 135 3.65 -13.67 31.48
C GLY A 135 4.03 -13.05 30.15
N PHE A 136 5.05 -12.19 30.16
CA PHE A 136 5.49 -11.50 28.95
C PHE A 136 6.99 -11.59 28.74
N TYR A 137 7.42 -11.42 27.49
CA TYR A 137 8.83 -11.41 27.13
C TYR A 137 8.99 -10.90 25.70
N ILE A 138 10.23 -10.56 25.33
CA ILE A 138 10.54 -10.19 23.96
C ILE A 138 11.52 -11.20 23.38
N SER A 139 12.57 -11.48 24.14
CA SER A 139 13.51 -12.55 23.83
C SER A 139 13.42 -13.60 24.92
N PRO A 140 13.32 -14.89 24.55
CA PRO A 140 13.17 -16.00 25.49
C PRO A 140 14.27 -16.00 26.54
N ARG A 141 15.39 -15.38 26.20
CA ARG A 141 16.51 -15.15 27.10
C ARG A 141 16.07 -14.48 28.40
N SER A 142 15.14 -13.54 28.29
CA SER A 142 14.64 -12.80 29.46
C SER A 142 13.13 -12.95 29.61
N THR A 143 12.72 -13.65 30.68
CA THR A 143 11.31 -13.82 31.00
C THR A 143 10.89 -12.85 32.11
N PHE A 144 9.65 -12.40 32.08
CA PHE A 144 9.17 -11.45 33.08
C PHE A 144 7.74 -11.73 33.52
N SER A 145 7.54 -11.70 34.83
CA SER A 145 6.21 -11.91 35.41
C SER A 145 5.22 -10.83 34.98
N THR A 146 5.68 -9.58 34.94
CA THR A 146 4.80 -8.45 34.57
C THR A 146 5.61 -7.31 33.97
N LEU A 147 4.90 -6.35 33.38
CA LEU A 147 5.51 -5.32 32.56
C LEU A 147 6.47 -4.39 33.28
N GLN A 148 6.07 -3.94 34.48
CA GLN A 148 6.90 -3.03 35.26
C GLN A 148 8.28 -3.63 35.54
N GLU A 149 8.29 -4.91 35.90
CA GLU A 149 9.54 -5.64 36.06
C GLU A 149 10.28 -5.67 34.73
N LEU A 150 9.55 -6.03 33.68
CA LEU A 150 10.07 -6.07 32.32
C LEU A 150 10.63 -4.71 31.91
N VAL A 151 9.97 -3.63 32.30
CA VAL A 151 10.47 -2.28 32.04
C VAL A 151 11.80 -2.07 32.75
N ASP A 152 11.81 -2.31 34.06
CA ASP A 152 12.98 -2.11 34.91
C ASP A 152 14.25 -2.75 34.35
N HIS A 153 14.12 -3.98 33.86
CA HIS A 153 15.25 -4.71 33.28
C HIS A 153 15.86 -3.99 32.09
N TYR A 154 14.99 -3.51 31.20
CA TYR A 154 15.45 -2.83 29.99
C TYR A 154 15.85 -1.38 30.26
N LYS A 155 15.64 -0.92 31.50
CA LYS A 155 16.20 0.35 31.94
C LYS A 155 17.64 0.10 32.35
N LYS A 156 17.94 -1.16 32.67
CA LYS A 156 19.29 -1.57 33.05
C LYS A 156 20.04 -2.08 31.83
N GLY A 157 20.41 -1.16 30.94
CA GLY A 157 21.14 -1.51 29.73
C GLY A 157 20.28 -2.19 28.69
N ASN A 158 20.55 -1.93 27.42
CA ASN A 158 19.79 -2.54 26.33
C ASN A 158 20.10 -4.03 26.17
N ASP A 159 19.15 -4.87 26.60
CA ASP A 159 19.30 -6.31 26.48
C ASP A 159 18.87 -6.75 25.08
N GLY A 160 19.54 -6.19 24.07
CA GLY A 160 19.22 -6.50 22.68
C GLY A 160 18.59 -5.32 21.95
N LEU A 161 18.03 -4.39 22.72
CA LEU A 161 17.33 -3.24 22.14
C LEU A 161 18.30 -2.29 21.42
N CYS A 162 17.74 -1.35 20.67
CA CYS A 162 18.54 -0.35 19.97
C CYS A 162 19.03 0.72 20.93
N GLN A 163 18.41 0.79 22.10
CA GLN A 163 18.77 1.77 23.11
C GLN A 163 18.26 1.33 24.49
N LYS A 164 18.85 1.89 25.54
CA LYS A 164 18.45 1.58 26.91
C LYS A 164 17.28 2.47 27.34
N LEU A 165 16.30 1.88 28.02
CA LEU A 165 15.12 2.62 28.46
C LEU A 165 15.48 3.75 29.42
N SER A 166 14.89 4.92 29.19
CA SER A 166 15.16 6.10 30.00
C SER A 166 13.92 6.57 30.74
N VAL A 167 13.08 7.34 30.06
CA VAL A 167 11.90 7.96 30.66
C VAL A 167 10.68 7.64 29.80
N PRO A 168 9.52 7.37 30.44
CA PRO A 168 8.28 7.22 29.67
C PRO A 168 8.00 8.44 28.80
N CYS A 169 7.19 8.25 27.76
CA CYS A 169 6.88 9.33 26.82
C CYS A 169 6.14 10.47 27.51
N MET A 170 6.51 11.70 27.16
CA MET A 170 5.87 12.87 27.72
C MET A 170 4.43 12.98 27.25
N SER A 171 3.50 13.14 28.18
CA SER A 171 2.09 13.30 27.85
C SER A 171 1.53 14.54 28.54
N SER A 172 0.54 15.16 27.91
CA SER A 172 -0.13 16.31 28.48
C SER A 172 -1.59 16.00 28.75
N LYS A 173 -2.24 16.84 29.54
CA LYS A 173 -3.65 16.66 29.85
C LYS A 173 -4.47 16.76 28.57
N PRO A 174 -5.42 15.83 28.38
CA PRO A 174 -6.30 15.88 27.21
C PRO A 174 -7.25 17.07 27.32
N GLN A 175 -7.97 17.39 26.25
CA GLN A 175 -8.89 18.51 26.29
C GLN A 175 -10.06 18.21 27.21
N LYS A 176 -10.39 19.17 28.07
CA LYS A 176 -11.54 19.06 28.97
C LYS A 176 -12.79 18.84 28.11
N PRO A 177 -13.62 17.86 28.49
CA PRO A 177 -14.83 17.60 27.73
C PRO A 177 -15.80 18.76 27.82
N TRP A 178 -16.65 18.93 26.81
CA TRP A 178 -17.61 20.03 26.78
C TRP A 178 -18.62 19.90 27.91
N GLU A 179 -19.23 21.02 28.26
CA GLU A 179 -20.25 21.05 29.31
C GLU A 179 -21.39 20.08 29.00
N LYS A 180 -21.90 19.42 30.02
CA LYS A 180 -22.98 18.44 29.83
C LYS A 180 -24.30 19.15 29.53
N ASP A 181 -25.09 18.55 28.64
CA ASP A 181 -26.39 19.09 28.23
C ASP A 181 -26.27 20.53 27.72
N ALA A 182 -25.25 20.77 26.91
CA ALA A 182 -24.98 22.12 26.41
C ALA A 182 -24.71 22.14 24.92
N TRP A 183 -25.44 21.31 24.17
CA TRP A 183 -25.33 21.31 22.71
C TRP A 183 -25.97 22.59 22.15
N GLU A 184 -27.05 23.02 22.78
CA GLU A 184 -27.67 24.30 22.47
C GLU A 184 -27.46 25.28 23.60
N ILE A 185 -26.85 26.42 23.29
CA ILE A 185 -26.51 27.42 24.29
C ILE A 185 -27.05 28.79 23.91
N PRO A 186 -27.29 29.66 24.90
CA PRO A 186 -27.67 31.04 24.59
C PRO A 186 -26.45 31.82 24.11
N ARG A 187 -26.67 32.87 23.34
CA ARG A 187 -25.58 33.68 22.83
C ARG A 187 -24.85 34.36 23.99
N GLU A 188 -25.62 34.66 25.03
CA GLU A 188 -25.11 35.33 26.23
C GLU A 188 -23.91 34.61 26.85
N SER A 189 -23.85 33.31 26.64
CA SER A 189 -22.76 32.48 27.14
C SER A 189 -21.44 32.78 26.45
N LEU A 190 -21.51 33.51 25.35
CA LEU A 190 -20.33 33.77 24.52
C LEU A 190 -19.84 35.21 24.59
N LYS A 191 -18.54 35.38 24.39
CA LYS A 191 -17.94 36.69 24.19
C LYS A 191 -16.97 36.59 23.02
N LEU A 192 -17.42 36.97 21.84
CA LEU A 192 -16.57 36.92 20.65
C LEU A 192 -15.55 38.04 20.75
N GLU A 193 -14.30 37.67 21.06
CA GLU A 193 -13.29 38.65 21.42
C GLU A 193 -12.48 39.19 20.24
N LYS A 194 -12.33 38.39 19.19
CA LYS A 194 -11.52 38.80 18.04
C LYS A 194 -11.95 38.13 16.72
N LYS A 195 -12.19 38.97 15.71
CA LYS A 195 -12.50 38.47 14.37
C LYS A 195 -11.23 37.89 13.75
N LEU A 196 -11.27 36.59 13.46
CA LEU A 196 -10.12 35.90 12.90
C LEU A 196 -10.16 35.95 11.37
N GLY A 197 -11.36 35.84 10.82
CA GLY A 197 -11.54 35.87 9.38
C GLY A 197 -13.00 36.03 8.98
N ALA A 198 -13.22 36.58 7.80
CA ALA A 198 -14.57 36.76 7.27
C ALA A 198 -14.66 36.28 5.84
N GLY A 199 -15.88 36.04 5.36
CA GLY A 199 -16.09 35.55 4.01
C GLY A 199 -17.44 35.94 3.44
N GLN A 200 -17.84 35.24 2.38
CA GLN A 200 -19.10 35.51 1.70
C GLN A 200 -20.29 34.98 2.50
N PHE A 201 -20.02 34.07 3.43
CA PHE A 201 -21.09 33.38 4.15
C PHE A 201 -21.11 33.68 5.65
N GLY A 202 -20.07 34.32 6.15
CA GLY A 202 -20.01 34.67 7.56
C GLY A 202 -18.61 34.92 8.08
N GLU A 203 -18.50 35.04 9.39
CA GLU A 203 -17.22 35.36 10.02
C GLU A 203 -16.78 34.25 10.97
N VAL A 204 -15.48 34.11 11.15
CA VAL A 204 -14.93 33.21 12.16
C VAL A 204 -14.28 34.01 13.28
N TRP A 205 -14.86 33.94 14.47
CA TRP A 205 -14.36 34.68 15.62
C TRP A 205 -13.76 33.70 16.63
N MET A 206 -12.74 34.15 17.35
CA MET A 206 -12.27 33.41 18.51
C MET A 206 -13.00 33.98 19.73
N ALA A 207 -13.49 33.09 20.59
CA ALA A 207 -14.39 33.53 21.66
C ALA A 207 -14.11 32.88 23.01
N THR A 208 -15.04 33.10 23.93
CA THR A 208 -14.94 32.57 25.29
C THR A 208 -16.32 32.16 25.79
N TYR A 209 -16.43 30.91 26.26
CA TYR A 209 -17.70 30.37 26.72
C TYR A 209 -17.82 30.41 28.24
N ASN A 210 -18.49 31.44 28.75
CA ASN A 210 -18.67 31.63 30.20
C ASN A 210 -17.35 31.57 30.95
N LYS A 211 -16.44 32.50 30.62
CA LYS A 211 -15.03 32.42 31.04
C LYS A 211 -14.44 31.01 30.86
N HIS A 212 -13.33 30.73 31.54
CA HIS A 212 -12.69 29.40 31.56
C HIS A 212 -12.43 28.68 30.21
N THR A 213 -13.36 28.78 29.26
CA THR A 213 -13.24 28.01 28.01
C THR A 213 -13.05 28.87 26.77
N LYS A 214 -11.95 28.63 26.05
CA LYS A 214 -11.63 29.36 24.83
C LYS A 214 -12.12 28.60 23.60
N VAL A 215 -13.01 29.22 22.84
CA VAL A 215 -13.59 28.58 21.66
C VAL A 215 -13.46 29.45 20.41
N ALA A 216 -13.80 28.86 19.27
CA ALA A 216 -13.86 29.61 18.02
C ALA A 216 -15.27 29.52 17.46
N VAL A 217 -15.82 30.66 17.04
CA VAL A 217 -17.22 30.72 16.60
C VAL A 217 -17.35 31.11 15.14
N LYS A 218 -18.04 30.27 14.37
CA LYS A 218 -18.35 30.57 12.99
C LYS A 218 -19.78 31.11 12.91
N THR A 219 -19.91 32.40 12.63
CA THR A 219 -21.21 33.04 12.55
C THR A 219 -21.83 32.85 11.17
N MET A 220 -22.84 31.99 11.09
CA MET A 220 -23.50 31.72 9.81
C MET A 220 -24.55 32.78 9.48
N LYS A 221 -24.28 33.56 8.44
CA LYS A 221 -25.15 34.66 8.07
C LYS A 221 -26.42 34.19 7.36
N PRO A 222 -27.56 34.81 7.69
CA PRO A 222 -28.91 34.38 7.30
C PRO A 222 -29.06 34.09 5.81
N GLY A 223 -29.67 32.96 5.49
CA GLY A 223 -29.89 32.57 4.10
C GLY A 223 -31.10 31.68 3.92
N SER A 224 -31.22 31.11 2.72
CA SER A 224 -32.31 30.19 2.40
C SER A 224 -32.00 28.81 2.95
N MET A 225 -30.73 28.42 2.85
CA MET A 225 -30.30 27.09 3.24
C MET A 225 -30.52 26.76 4.71
N SER A 226 -31.42 25.81 4.95
CA SER A 226 -31.60 25.21 6.27
C SER A 226 -31.92 26.21 7.38
N VAL A 227 -32.92 27.05 7.16
CA VAL A 227 -33.32 28.04 8.17
C VAL A 227 -33.79 27.35 9.44
N GLU A 228 -34.62 26.33 9.30
CA GLU A 228 -35.07 25.53 10.44
C GLU A 228 -34.55 24.11 10.33
N ALA A 229 -33.76 23.84 9.30
CA ALA A 229 -33.26 22.49 9.05
C ALA A 229 -31.75 22.38 9.23
N PHE A 230 -31.12 23.43 9.74
CA PHE A 230 -29.67 23.41 9.95
C PHE A 230 -29.32 22.50 11.11
N LEU A 231 -30.01 22.68 12.23
CA LEU A 231 -29.82 21.87 13.43
C LEU A 231 -29.86 20.38 13.08
N ALA A 232 -30.74 20.03 12.17
CA ALA A 232 -30.85 18.64 11.69
C ALA A 232 -29.56 18.16 11.04
N GLU A 233 -29.14 18.85 9.99
CA GLU A 233 -27.89 18.53 9.30
C GLU A 233 -26.70 18.62 10.25
N ALA A 234 -26.71 19.63 11.12
CA ALA A 234 -25.63 19.85 12.06
C ALA A 234 -25.56 18.78 13.15
N ASN A 235 -26.71 18.18 13.45
CA ASN A 235 -26.78 17.14 14.47
C ASN A 235 -26.12 15.85 14.02
N VAL A 236 -25.98 15.69 12.70
CA VAL A 236 -25.31 14.53 12.12
C VAL A 236 -23.79 14.66 12.25
N MET A 237 -23.27 15.86 11.98
CA MET A 237 -21.84 16.13 12.06
C MET A 237 -21.31 15.92 13.48
N LYS A 238 -22.19 16.12 14.46
CA LYS A 238 -21.83 15.94 15.87
C LYS A 238 -21.53 14.47 16.18
N THR A 239 -22.10 13.57 15.39
CA THR A 239 -21.89 12.14 15.60
C THR A 239 -20.73 11.61 14.77
N LEU A 240 -20.12 12.48 13.96
CA LEU A 240 -19.00 12.10 13.11
C LEU A 240 -17.69 12.61 13.71
N GLN A 241 -17.50 12.37 15.00
CA GLN A 241 -16.30 12.81 15.69
C GLN A 241 -15.08 11.99 15.32
N HIS A 242 -13.93 12.65 15.26
CA HIS A 242 -12.67 11.99 14.96
C HIS A 242 -11.54 12.87 15.47
N ASP A 243 -10.40 12.26 15.79
CA ASP A 243 -9.27 13.00 16.35
C ASP A 243 -8.64 13.92 15.30
N LYS A 244 -8.98 13.71 14.04
CA LYS A 244 -8.42 14.52 12.95
C LYS A 244 -9.46 15.41 12.28
N LEU A 245 -10.63 15.53 12.90
CA LEU A 245 -11.64 16.50 12.45
C LEU A 245 -11.80 17.58 13.51
N VAL A 246 -12.17 18.79 13.09
CA VAL A 246 -12.40 19.86 14.06
C VAL A 246 -13.64 19.56 14.89
N LYS A 247 -13.49 19.60 16.21
CA LYS A 247 -14.56 19.19 17.11
C LYS A 247 -15.65 20.24 17.21
N LEU A 248 -16.88 19.83 16.94
CA LEU A 248 -18.05 20.69 17.13
C LEU A 248 -18.52 20.60 18.58
N HIS A 249 -18.57 21.75 19.26
CA HIS A 249 -18.94 21.77 20.67
C HIS A 249 -20.41 22.15 20.89
N ALA A 250 -20.79 23.33 20.44
CA ALA A 250 -22.14 23.82 20.69
C ALA A 250 -22.75 24.57 19.49
N VAL A 251 -23.98 25.01 19.66
CA VAL A 251 -24.73 25.66 18.60
C VAL A 251 -25.68 26.72 19.17
N VAL A 252 -25.80 27.85 18.48
CA VAL A 252 -26.80 28.85 18.84
C VAL A 252 -27.94 28.82 17.80
N THR A 253 -29.11 28.39 18.24
CA THR A 253 -30.25 28.17 17.35
C THR A 253 -30.91 29.46 16.84
N LYS A 254 -30.71 30.55 17.56
CA LYS A 254 -31.30 31.82 17.17
C LYS A 254 -30.49 32.46 16.03
N GLU A 255 -31.14 32.67 14.89
CA GLU A 255 -30.50 33.28 13.72
C GLU A 255 -30.01 34.69 14.07
N PRO A 256 -28.77 35.03 13.70
CA PRO A 256 -27.81 34.22 12.91
C PRO A 256 -27.20 33.06 13.70
N ILE A 257 -27.12 31.90 13.06
CA ILE A 257 -26.62 30.69 13.70
C ILE A 257 -25.14 30.78 14.04
N TYR A 258 -24.79 30.46 15.28
CA TYR A 258 -23.39 30.41 15.70
C TYR A 258 -22.94 28.96 15.88
N ILE A 259 -21.79 28.63 15.31
CA ILE A 259 -21.22 27.29 15.46
C ILE A 259 -19.98 27.33 16.34
N ILE A 260 -20.06 26.68 17.50
CA ILE A 260 -18.95 26.68 18.44
C ILE A 260 -18.07 25.45 18.25
N THR A 261 -16.83 25.68 17.81
CA THR A 261 -15.87 24.60 17.63
C THR A 261 -14.70 24.79 18.57
N GLU A 262 -13.80 23.81 18.59
CA GLU A 262 -12.57 23.92 19.36
C GLU A 262 -11.67 24.96 18.73
N PHE A 263 -10.80 25.58 19.53
CA PHE A 263 -9.89 26.60 19.02
C PHE A 263 -8.57 26.00 18.56
N MET A 264 -8.29 26.14 17.27
CA MET A 264 -7.03 25.65 16.71
C MET A 264 -5.99 26.77 16.71
N ALA A 265 -5.07 26.69 17.67
CA ALA A 265 -4.16 27.78 18.00
C ALA A 265 -3.43 28.45 16.84
N LYS A 266 -2.92 27.65 15.90
CA LYS A 266 -2.09 28.19 14.82
C LYS A 266 -2.81 28.39 13.49
N GLY A 267 -4.12 28.64 13.56
CA GLY A 267 -4.90 28.99 12.39
C GLY A 267 -4.93 27.93 11.31
N SER A 268 -5.14 28.37 10.07
CA SER A 268 -5.24 27.44 8.94
C SER A 268 -3.87 26.98 8.47
N LEU A 269 -3.83 25.81 7.84
CA LEU A 269 -2.60 25.23 7.31
C LEU A 269 -2.01 26.12 6.22
N LEU A 270 -2.89 26.75 5.43
CA LEU A 270 -2.46 27.65 4.37
C LEU A 270 -1.67 28.82 4.93
N ASP A 271 -2.25 29.51 5.91
CA ASP A 271 -1.61 30.64 6.56
C ASP A 271 -0.37 30.19 7.32
N PHE A 272 -0.41 28.96 7.84
CA PHE A 272 0.71 28.43 8.61
C PHE A 272 1.90 28.07 7.74
N LEU A 273 1.65 27.50 6.57
CA LEU A 273 2.74 27.16 5.66
C LEU A 273 3.37 28.43 5.08
N LYS A 274 2.57 29.48 4.99
CA LYS A 274 3.05 30.78 4.53
C LYS A 274 3.76 31.53 5.65
N SER A 275 3.62 31.04 6.87
CA SER A 275 4.25 31.67 8.04
C SER A 275 5.76 31.52 8.02
N ASP A 276 6.42 32.15 8.99
CA ASP A 276 7.86 32.04 9.15
C ASP A 276 8.21 30.67 9.72
N GLU A 277 7.57 30.33 10.84
CA GLU A 277 7.74 29.03 11.48
C GLU A 277 7.37 27.91 10.52
N GLY A 278 6.36 28.15 9.70
CA GLY A 278 5.91 27.17 8.72
C GLY A 278 6.96 26.89 7.66
N SER A 279 7.66 27.94 7.23
CA SER A 279 8.71 27.80 6.23
C SER A 279 9.90 27.01 6.79
N LYS A 280 10.01 26.97 8.11
CA LYS A 280 11.07 26.23 8.77
C LYS A 280 10.81 24.72 8.76
N GLN A 281 9.54 24.34 8.64
CA GLN A 281 9.15 22.94 8.68
C GLN A 281 9.75 22.16 7.50
N PRO A 282 10.53 21.12 7.81
CA PRO A 282 11.17 20.28 6.79
C PRO A 282 10.16 19.40 6.07
N LEU A 283 10.63 18.59 5.12
CA LEU A 283 9.76 17.76 4.30
C LEU A 283 9.06 16.57 5.00
N PRO A 284 9.81 15.79 5.81
CA PRO A 284 9.14 14.65 6.45
C PRO A 284 7.99 15.04 7.39
N LYS A 285 7.97 16.29 7.82
CA LYS A 285 6.90 16.77 8.69
C LYS A 285 5.72 17.32 7.88
N LEU A 286 6.00 17.66 6.61
CA LEU A 286 4.94 18.07 5.69
C LEU A 286 4.12 16.84 5.27
N ILE A 287 4.82 15.73 5.06
CA ILE A 287 4.19 14.47 4.73
C ILE A 287 3.40 13.97 5.95
N ASP A 288 3.91 14.28 7.14
CA ASP A 288 3.23 13.92 8.38
C ASP A 288 1.88 14.63 8.46
N PHE A 289 1.85 15.89 8.01
CA PHE A 289 0.60 16.65 7.93
C PHE A 289 -0.36 15.96 6.98
N SER A 290 0.15 15.62 5.80
CA SER A 290 -0.63 14.97 4.77
C SER A 290 -1.23 13.66 5.24
N ALA A 291 -0.45 12.89 6.00
CA ALA A 291 -0.91 11.61 6.52
C ALA A 291 -1.98 11.78 7.59
N GLN A 292 -2.02 12.95 8.22
CA GLN A 292 -3.05 13.26 9.21
C GLN A 292 -4.36 13.63 8.51
N ILE A 293 -4.25 14.50 7.51
CA ILE A 293 -5.40 14.89 6.70
C ILE A 293 -5.96 13.66 5.99
N ALA A 294 -5.07 12.81 5.50
CA ALA A 294 -5.46 11.56 4.86
C ALA A 294 -6.15 10.64 5.84
N GLU A 295 -5.70 10.66 7.10
CA GLU A 295 -6.31 9.84 8.14
C GLU A 295 -7.74 10.29 8.41
N GLY A 296 -7.96 11.61 8.38
CA GLY A 296 -9.28 12.17 8.59
C GLY A 296 -10.19 11.95 7.40
N MET A 297 -9.62 12.04 6.20
CA MET A 297 -10.38 11.82 4.98
C MET A 297 -10.69 10.33 4.80
N ALA A 298 -9.88 9.49 5.43
CA ALA A 298 -10.11 8.05 5.41
C ALA A 298 -11.31 7.69 6.27
N PHE A 299 -11.61 8.55 7.24
CA PHE A 299 -12.74 8.35 8.14
C PHE A 299 -14.05 8.76 7.47
N ILE A 300 -14.05 9.94 6.87
CA ILE A 300 -15.19 10.43 6.09
C ILE A 300 -15.52 9.43 4.99
N GLU A 301 -14.48 8.78 4.47
CA GLU A 301 -14.62 7.76 3.45
C GLU A 301 -15.27 6.49 4.01
N GLN A 302 -14.88 6.12 5.24
CA GLN A 302 -15.42 4.94 5.90
C GLN A 302 -16.90 5.12 6.23
N ARG A 303 -17.28 6.36 6.50
CA ARG A 303 -18.68 6.69 6.78
C ARG A 303 -19.43 7.00 5.49
N ASN A 304 -18.79 6.71 4.37
CA ASN A 304 -19.36 6.91 3.04
C ASN A 304 -19.92 8.32 2.79
N TYR A 305 -19.32 9.30 3.45
CA TYR A 305 -19.73 10.69 3.28
C TYR A 305 -18.75 11.45 2.37
N ILE A 306 -18.75 12.77 2.47
CA ILE A 306 -18.01 13.63 1.55
C ILE A 306 -17.67 14.98 2.19
N HIS A 307 -16.46 15.48 1.95
CA HIS A 307 -16.07 16.80 2.45
C HIS A 307 -16.42 17.92 1.48
N ARG A 308 -16.26 17.65 0.18
CA ARG A 308 -16.70 18.54 -0.91
C ARG A 308 -15.82 19.77 -1.17
N ASP A 309 -14.89 20.08 -0.27
CA ASP A 309 -14.02 21.25 -0.47
C ASP A 309 -12.67 21.13 0.24
N LEU A 310 -11.81 20.23 -0.25
CA LEU A 310 -10.50 20.03 0.34
C LEU A 310 -9.46 21.04 -0.15
N ARG A 311 -8.83 21.74 0.80
CA ARG A 311 -7.74 22.66 0.53
C ARG A 311 -7.08 23.09 1.84
N ALA A 312 -5.89 23.68 1.75
CA ALA A 312 -5.13 24.08 2.93
C ALA A 312 -5.85 25.16 3.73
N ALA A 313 -6.73 25.90 3.07
CA ALA A 313 -7.52 26.93 3.74
C ALA A 313 -8.58 26.29 4.64
N ASN A 314 -8.84 25.01 4.42
CA ASN A 314 -9.80 24.27 5.22
C ASN A 314 -9.15 23.21 6.10
N ILE A 315 -7.86 23.38 6.37
CA ILE A 315 -7.17 22.54 7.34
C ILE A 315 -6.64 23.44 8.44
N LEU A 316 -6.94 23.09 9.69
CA LEU A 316 -6.51 23.88 10.83
C LEU A 316 -5.37 23.19 11.57
N VAL A 317 -4.50 23.99 12.20
CA VAL A 317 -3.34 23.45 12.90
C VAL A 317 -3.39 23.79 14.39
N SER A 318 -3.26 22.77 15.23
CA SER A 318 -3.23 22.97 16.68
C SER A 318 -1.89 23.54 17.10
N ALA A 319 -1.76 23.88 18.38
CA ALA A 319 -0.50 24.36 18.92
C ALA A 319 0.54 23.25 18.92
N SER A 320 0.06 22.02 18.99
CA SER A 320 0.92 20.84 19.00
C SER A 320 1.28 20.41 17.57
N LEU A 321 0.92 21.27 16.61
CA LEU A 321 1.12 21.00 15.18
C LEU A 321 0.37 19.77 14.70
N VAL A 322 -0.88 19.64 15.13
CA VAL A 322 -1.76 18.58 14.65
C VAL A 322 -2.75 19.14 13.64
N CYS A 323 -2.83 18.51 12.48
CA CYS A 323 -3.74 18.97 11.42
C CYS A 323 -5.12 18.36 11.54
N LYS A 324 -6.14 19.20 11.51
CA LYS A 324 -7.52 18.74 11.57
C LYS A 324 -8.35 19.33 10.42
N ILE A 325 -9.49 18.70 10.14
CA ILE A 325 -10.27 19.06 8.96
C ILE A 325 -11.52 19.88 9.28
N ALA A 326 -11.64 21.04 8.61
CA ALA A 326 -12.82 21.88 8.67
C ALA A 326 -13.21 22.17 7.21
N ASP A 327 -14.44 22.61 6.93
CA ASP A 327 -15.53 22.64 7.90
C ASP A 327 -16.14 21.25 7.92
N PHE A 328 -16.28 20.67 6.74
CA PHE A 328 -16.88 19.36 6.53
C PHE A 328 -18.37 19.32 6.86
N GLY A 329 -19.17 18.88 5.90
CA GLY A 329 -20.62 18.87 6.04
C GLY A 329 -21.18 20.28 6.04
N LEU A 330 -20.50 21.17 5.35
CA LEU A 330 -20.90 22.57 5.27
C LEU A 330 -21.28 22.94 3.85
N ALA A 331 -20.60 22.34 2.88
CA ALA A 331 -20.89 22.59 1.48
C ALA A 331 -22.24 22.02 1.06
N ARG A 332 -22.79 21.14 1.89
CA ARG A 332 -24.11 20.59 1.65
C ARG A 332 -25.18 21.48 2.28
N VAL A 333 -24.74 22.59 2.86
CA VAL A 333 -25.64 23.55 3.50
C VAL A 333 -25.47 24.94 2.90
N ILE A 334 -25.06 24.98 1.63
CA ILE A 334 -24.86 26.26 0.94
C ILE A 334 -24.87 26.08 -0.57
N PRO A 348 -12.96 29.04 -6.64
CA PRO A 348 -13.20 27.88 -5.78
C PRO A 348 -12.93 26.55 -6.49
N ILE A 349 -12.58 26.60 -7.77
CA ILE A 349 -12.53 25.40 -8.60
C ILE A 349 -11.13 24.87 -8.96
N LYS A 350 -10.08 25.55 -8.51
CA LYS A 350 -8.72 25.08 -8.78
C LYS A 350 -8.42 23.79 -8.03
N TRP A 351 -9.11 23.58 -6.92
CA TRP A 351 -8.97 22.35 -6.13
C TRP A 351 -10.00 21.32 -6.54
N THR A 352 -10.82 21.65 -7.53
CA THR A 352 -11.94 20.80 -7.90
C THR A 352 -11.61 19.87 -9.08
N ALA A 353 -12.05 18.62 -8.97
CA ALA A 353 -11.89 17.64 -10.04
C ALA A 353 -12.78 18.00 -11.23
N PRO A 354 -12.37 17.58 -12.44
CA PRO A 354 -13.15 17.84 -13.67
C PRO A 354 -14.59 17.37 -13.61
N GLU A 355 -14.84 16.16 -13.13
CA GLU A 355 -16.17 15.57 -13.14
C GLU A 355 -17.13 16.19 -12.10
N ALA A 356 -16.74 17.33 -11.54
CA ALA A 356 -17.59 18.08 -10.64
C ALA A 356 -17.69 19.53 -11.10
N ILE A 357 -16.67 19.98 -11.82
CA ILE A 357 -16.68 21.27 -12.47
C ILE A 357 -17.73 21.24 -13.58
N ASN A 358 -17.72 20.14 -14.34
CA ASN A 358 -18.68 19.94 -15.42
C ASN A 358 -19.97 19.30 -14.91
N PHE A 359 -19.93 17.99 -14.74
CA PHE A 359 -21.13 17.20 -14.44
C PHE A 359 -21.66 17.42 -13.03
N GLY A 360 -20.98 18.26 -12.25
CA GLY A 360 -21.42 18.59 -10.91
C GLY A 360 -21.49 17.41 -9.97
N SER A 361 -20.82 16.33 -10.33
CA SER A 361 -20.85 15.10 -9.54
C SER A 361 -19.71 15.05 -8.52
N PHE A 362 -20.08 15.12 -7.24
CA PHE A 362 -19.10 15.07 -6.16
C PHE A 362 -19.10 13.70 -5.52
N THR A 363 -17.97 13.00 -5.65
CA THR A 363 -17.80 11.69 -5.01
C THR A 363 -16.78 11.80 -3.89
N ILE A 364 -16.38 10.66 -3.34
CA ILE A 364 -15.27 10.64 -2.40
C ILE A 364 -13.98 10.70 -3.20
N LYS A 365 -14.08 10.37 -4.48
CA LYS A 365 -12.94 10.38 -5.39
C LYS A 365 -12.66 11.80 -5.92
N SER A 366 -13.66 12.66 -5.84
CA SER A 366 -13.48 14.06 -6.22
C SER A 366 -12.63 14.75 -5.16
N ASP A 367 -12.72 14.26 -3.92
CA ASP A 367 -11.90 14.75 -2.83
C ASP A 367 -10.47 14.25 -2.96
N VAL A 368 -10.33 13.03 -3.49
CA VAL A 368 -9.02 12.44 -3.75
C VAL A 368 -8.22 13.34 -4.67
N TRP A 369 -8.88 13.85 -5.72
CA TRP A 369 -8.28 14.83 -6.60
C TRP A 369 -7.85 16.05 -5.81
N SER A 370 -8.76 16.56 -4.99
CA SER A 370 -8.51 17.74 -4.18
C SER A 370 -7.36 17.50 -3.20
N PHE A 371 -7.20 16.26 -2.76
CA PHE A 371 -6.11 15.90 -1.86
C PHE A 371 -4.78 15.99 -2.59
N GLY A 372 -4.76 15.54 -3.85
CA GLY A 372 -3.58 15.62 -4.67
C GLY A 372 -3.15 17.08 -4.87
N ILE A 373 -4.14 17.94 -5.06
CA ILE A 373 -3.89 19.38 -5.16
C ILE A 373 -3.39 19.91 -3.84
N LEU A 374 -4.06 19.50 -2.76
CA LEU A 374 -3.68 19.90 -1.41
C LEU A 374 -2.26 19.43 -1.09
N LEU A 375 -1.90 18.25 -1.59
CA LEU A 375 -0.57 17.71 -1.39
C LEU A 375 0.48 18.65 -1.97
N MET A 376 0.31 19.01 -3.24
CA MET A 376 1.17 19.97 -3.91
C MET A 376 1.20 21.29 -3.15
N GLU A 377 0.03 21.71 -2.69
CA GLU A 377 -0.12 22.95 -1.95
C GLU A 377 0.74 22.94 -0.68
N ILE A 378 0.91 21.75 -0.10
CA ILE A 378 1.73 21.59 1.09
C ILE A 378 3.22 21.59 0.78
N VAL A 379 3.61 20.85 -0.25
CA VAL A 379 5.02 20.75 -0.65
C VAL A 379 5.55 22.10 -1.14
N THR A 380 4.66 22.93 -1.67
CA THR A 380 5.04 24.26 -2.16
C THR A 380 4.74 25.36 -1.15
N TYR A 381 4.47 24.97 0.09
CA TYR A 381 4.28 25.89 1.20
C TYR A 381 3.14 26.90 1.00
N GLY A 382 2.07 26.47 0.35
CA GLY A 382 0.89 27.30 0.22
C GLY A 382 0.76 28.04 -1.10
N ARG A 383 1.72 27.81 -2.00
CA ARG A 383 1.67 28.39 -3.34
C ARG A 383 0.36 28.04 -4.03
N ILE A 384 -0.28 29.03 -4.65
CA ILE A 384 -1.51 28.78 -5.38
C ILE A 384 -1.29 27.76 -6.48
N PRO A 385 -2.22 26.80 -6.61
CA PRO A 385 -2.15 25.77 -7.66
C PRO A 385 -2.20 26.44 -9.02
N TYR A 386 -1.40 25.95 -9.97
CA TYR A 386 -1.30 26.54 -11.30
C TYR A 386 -0.99 28.04 -11.20
N PRO A 387 0.24 28.39 -10.80
CA PRO A 387 0.61 29.79 -10.59
C PRO A 387 0.73 30.57 -11.91
N GLY A 388 0.28 31.82 -11.92
CA GLY A 388 0.28 32.64 -13.11
C GLY A 388 -0.63 32.07 -14.18
N MET A 389 -1.66 31.35 -13.74
CA MET A 389 -2.55 30.61 -14.63
C MET A 389 -3.98 30.74 -14.13
N SER A 390 -4.79 31.52 -14.83
CA SER A 390 -6.16 31.79 -14.40
C SER A 390 -7.03 30.56 -14.50
N ASN A 391 -8.23 30.63 -13.90
CA ASN A 391 -9.17 29.51 -13.90
C ASN A 391 -9.54 28.97 -15.29
N PRO A 392 -9.98 29.84 -16.22
CA PRO A 392 -10.32 29.31 -17.55
C PRO A 392 -9.11 28.74 -18.27
N GLU A 393 -7.94 29.30 -18.00
CA GLU A 393 -6.70 28.86 -18.63
C GLU A 393 -6.23 27.51 -18.08
N VAL A 394 -6.95 26.98 -17.10
CA VAL A 394 -6.62 25.69 -16.50
C VAL A 394 -7.60 24.59 -16.94
N ILE A 395 -8.90 24.90 -16.90
CA ILE A 395 -9.94 23.93 -17.25
C ILE A 395 -9.74 23.37 -18.66
N ARG A 396 -9.25 24.21 -19.56
CA ARG A 396 -9.02 23.81 -20.94
C ARG A 396 -7.73 23.00 -21.08
N ALA A 397 -6.94 22.97 -20.01
CA ALA A 397 -5.70 22.19 -19.99
C ALA A 397 -5.94 20.81 -19.36
N LEU A 398 -6.88 20.76 -18.42
CA LEU A 398 -7.27 19.50 -17.80
C LEU A 398 -7.89 18.56 -18.82
N GLU A 399 -8.43 19.13 -19.89
CA GLU A 399 -9.00 18.35 -20.97
C GLU A 399 -7.90 17.86 -21.91
N ARG A 400 -6.86 18.68 -22.07
CA ARG A 400 -5.69 18.27 -22.83
C ARG A 400 -4.98 17.13 -22.12
N GLY A 401 -4.81 17.27 -20.81
CA GLY A 401 -4.10 16.29 -20.01
C GLY A 401 -2.95 16.90 -19.24
N TYR A 402 -2.95 18.23 -19.16
CA TYR A 402 -1.92 18.93 -18.41
C TYR A 402 -2.12 18.75 -16.92
N ARG A 403 -1.03 18.42 -16.23
CA ARG A 403 -1.02 18.33 -14.78
C ARG A 403 0.11 19.21 -14.26
N MET A 404 -0.02 19.66 -13.02
CA MET A 404 1.04 20.45 -12.39
C MET A 404 2.32 19.63 -12.35
N PRO A 405 3.47 20.29 -12.60
CA PRO A 405 4.77 19.60 -12.63
C PRO A 405 5.37 19.42 -11.24
N ARG A 406 6.37 18.56 -11.14
CA ARG A 406 7.06 18.33 -9.87
C ARG A 406 8.11 19.41 -9.61
N PRO A 407 8.08 20.01 -8.42
CA PRO A 407 9.11 20.98 -8.03
C PRO A 407 10.38 20.28 -7.56
N GLU A 408 11.47 21.03 -7.45
CA GLU A 408 12.77 20.46 -7.09
C GLU A 408 12.76 19.80 -5.71
N ASN A 409 11.93 20.33 -4.82
CA ASN A 409 11.91 19.87 -3.43
C ASN A 409 10.88 18.78 -3.15
N CYS A 410 10.26 18.26 -4.20
CA CYS A 410 9.25 17.21 -4.04
C CYS A 410 9.82 15.83 -4.43
N PRO A 411 9.60 14.83 -3.56
CA PRO A 411 10.03 13.46 -3.86
C PRO A 411 9.30 12.90 -5.08
N GLU A 412 10.04 12.16 -5.91
CA GLU A 412 9.46 11.56 -7.11
C GLU A 412 8.31 10.62 -6.74
N GLU A 413 8.46 9.96 -5.60
CA GLU A 413 7.49 8.99 -5.13
C GLU A 413 6.29 9.67 -4.49
N LEU A 414 6.37 10.97 -4.30
CA LEU A 414 5.27 11.76 -3.76
C LEU A 414 4.45 12.37 -4.89
N TYR A 415 5.14 12.91 -5.89
CA TYR A 415 4.49 13.40 -7.10
C TYR A 415 3.74 12.26 -7.77
N ASN A 416 4.27 11.05 -7.61
CA ASN A 416 3.65 9.83 -8.11
C ASN A 416 2.24 9.67 -7.55
N ILE A 417 2.07 10.07 -6.29
CA ILE A 417 0.79 9.93 -5.60
C ILE A 417 -0.22 10.98 -6.04
N MET A 418 0.25 12.21 -6.24
CA MET A 418 -0.60 13.29 -6.72
C MET A 418 -1.20 12.92 -8.07
N MET A 419 -0.35 12.37 -8.95
CA MET A 419 -0.76 11.96 -10.28
C MET A 419 -1.82 10.86 -10.25
N ARG A 420 -1.70 9.97 -9.26
CA ARG A 420 -2.71 8.92 -9.08
C ARG A 420 -4.02 9.52 -8.61
N CYS A 421 -3.93 10.62 -7.88
CA CYS A 421 -5.11 11.36 -7.44
C CYS A 421 -5.66 12.19 -8.60
N TRP A 422 -4.81 12.42 -9.60
CA TRP A 422 -5.18 13.26 -10.74
C TRP A 422 -5.52 12.45 -11.98
N LYS A 423 -5.95 11.22 -11.80
CA LYS A 423 -6.38 10.39 -12.92
C LYS A 423 -7.69 10.92 -13.49
N ASN A 424 -7.83 10.87 -14.81
CA ASN A 424 -9.07 11.31 -15.46
C ASN A 424 -10.25 10.45 -15.05
N ARG A 425 -10.05 9.13 -15.01
CA ARG A 425 -11.05 8.22 -14.46
C ARG A 425 -11.00 8.29 -12.95
N PRO A 426 -12.08 8.80 -12.32
CA PRO A 426 -12.13 8.92 -10.87
C PRO A 426 -12.20 7.57 -10.17
N GLU A 427 -12.54 6.53 -10.92
CA GLU A 427 -12.62 5.18 -10.37
C GLU A 427 -11.25 4.54 -10.16
N GLU A 428 -10.28 4.93 -10.99
CA GLU A 428 -8.93 4.42 -10.86
C GLU A 428 -8.04 5.36 -10.05
N ARG A 429 -8.67 6.15 -9.18
CA ARG A 429 -7.95 6.96 -8.21
C ARG A 429 -7.92 6.19 -6.89
N PRO A 430 -6.86 6.39 -6.09
CA PRO A 430 -6.71 5.61 -4.85
C PRO A 430 -7.79 5.90 -3.82
N THR A 431 -7.81 5.11 -2.76
CA THR A 431 -8.67 5.38 -1.61
C THR A 431 -7.84 6.10 -0.56
N PHE A 432 -8.51 6.87 0.30
CA PHE A 432 -7.81 7.54 1.39
C PHE A 432 -7.23 6.52 2.36
N GLU A 433 -7.86 5.34 2.40
CA GLU A 433 -7.36 4.23 3.20
C GLU A 433 -5.97 3.82 2.73
N TYR A 434 -5.79 3.81 1.41
CA TYR A 434 -4.50 3.48 0.82
C TYR A 434 -3.53 4.66 0.91
N ILE A 435 -4.03 5.85 0.59
CA ILE A 435 -3.23 7.07 0.63
C ILE A 435 -2.63 7.30 2.01
N GLN A 436 -3.43 7.09 3.05
CA GLN A 436 -2.96 7.24 4.43
C GLN A 436 -1.86 6.25 4.75
N SER A 437 -2.07 4.99 4.40
CA SER A 437 -1.11 3.93 4.68
C SER A 437 0.23 4.20 3.99
N VAL A 438 0.17 4.69 2.75
CA VAL A 438 1.37 5.01 1.99
C VAL A 438 2.12 6.21 2.59
N LEU A 439 1.36 7.17 3.09
CA LEU A 439 1.96 8.37 3.69
C LEU A 439 2.44 8.14 5.12
N ASP A 440 1.77 7.24 5.85
CA ASP A 440 2.17 6.92 7.22
C ASP A 440 3.56 6.29 7.28
N ASP A 441 3.80 5.27 6.44
CA ASP A 441 5.09 4.61 6.40
C ASP A 441 5.84 4.97 5.13
N PHE A 442 5.97 6.27 4.86
CA PHE A 442 6.63 6.75 3.66
C PHE A 442 8.13 6.49 3.68
N TYR A 443 8.74 6.69 4.83
CA TYR A 443 10.18 6.49 4.99
C TYR A 443 10.50 5.14 5.62
N THR A 444 9.48 4.33 5.85
CA THR A 444 9.66 3.02 6.47
C THR A 444 9.30 1.88 5.52
N ALA A 445 10.24 0.95 5.32
CA ALA A 445 9.97 -0.24 4.55
C ALA A 445 9.13 -1.21 5.38
N THR A 446 8.19 -1.89 4.72
CA THR A 446 7.24 -2.79 5.37
C THR A 446 7.88 -3.72 6.39
N GLU A 447 8.98 -4.34 6.00
CA GLU A 447 9.68 -5.29 6.86
C GLU A 447 10.34 -4.60 8.05
N SER A 448 10.54 -3.29 7.94
CA SER A 448 11.24 -2.54 8.97
C SER A 448 10.30 -1.88 9.98
N GLN A 449 9.02 -2.23 9.94
CA GLN A 449 8.04 -1.69 10.87
C GLN A 449 8.35 -2.10 12.30
N GLU A 451 10.88 -4.67 14.94
CA GLU A 451 12.25 -5.18 15.02
C GLU A 451 12.28 -6.67 15.28
N GLU A 452 13.22 -7.35 14.63
CA GLU A 452 13.46 -8.77 14.89
C GLU A 452 14.44 -8.92 16.04
N ILE A 453 14.16 -9.86 16.94
CA ILE A 453 15.10 -10.19 18.01
C ILE A 453 15.16 -11.71 18.25
N PRO A 454 16.39 -12.25 18.25
CA PRO A 454 16.65 -13.70 18.35
C PRO A 454 16.49 -14.22 19.77
N ARG B 8 7.42 -0.48 -46.91
CA ARG B 8 8.83 -0.85 -46.90
C ARG B 8 9.39 -0.81 -45.49
N ILE B 9 9.47 -1.98 -44.85
CA ILE B 9 9.96 -2.06 -43.48
C ILE B 9 11.10 -3.06 -43.35
N ILE B 10 12.22 -2.60 -42.79
CA ILE B 10 13.34 -3.49 -42.50
C ILE B 10 13.42 -3.73 -40.99
N VAL B 11 13.65 -4.98 -40.60
CA VAL B 11 13.82 -5.32 -39.19
C VAL B 11 15.14 -6.05 -38.98
N VAL B 12 15.48 -6.29 -37.72
CA VAL B 12 16.77 -6.92 -37.40
C VAL B 12 16.64 -7.93 -36.26
N ALA B 13 17.20 -9.11 -36.46
CA ALA B 13 17.14 -10.19 -35.47
C ALA B 13 17.87 -9.79 -34.18
N LEU B 14 17.18 -9.99 -33.05
CA LEU B 14 17.75 -9.65 -31.75
C LEU B 14 18.54 -10.84 -31.20
N TYR B 15 18.09 -12.04 -31.53
CA TYR B 15 18.77 -13.27 -31.09
C TYR B 15 18.84 -14.22 -32.27
N ASP B 16 19.36 -15.42 -32.04
CA ASP B 16 19.40 -16.44 -33.07
C ASP B 16 18.10 -17.25 -33.08
N TYR B 17 17.79 -17.86 -34.23
CA TYR B 17 16.60 -18.69 -34.35
C TYR B 17 16.81 -19.79 -35.38
N GLU B 18 16.35 -21.00 -35.04
CA GLU B 18 16.37 -22.12 -35.96
C GLU B 18 14.96 -22.49 -36.38
N ALA B 19 14.77 -22.73 -37.67
CA ALA B 19 13.48 -23.19 -38.18
C ALA B 19 13.20 -24.59 -37.65
N ILE B 20 11.99 -24.80 -37.14
CA ILE B 20 11.57 -26.10 -36.66
C ILE B 20 10.29 -26.52 -37.35
N HIS B 21 9.64 -25.56 -37.99
CA HIS B 21 8.46 -25.82 -38.80
C HIS B 21 8.85 -25.84 -40.28
N HIS B 22 7.86 -25.98 -41.15
CA HIS B 22 8.15 -26.10 -42.59
C HIS B 22 8.32 -24.76 -43.28
N GLU B 23 7.48 -23.78 -42.93
CA GLU B 23 7.46 -22.51 -43.63
C GLU B 23 8.14 -21.35 -42.88
N ASP B 24 8.93 -21.66 -41.87
CA ASP B 24 9.63 -20.60 -41.14
C ASP B 24 11.11 -20.51 -41.51
N LEU B 25 11.71 -19.34 -41.30
CA LEU B 25 13.08 -19.07 -41.68
C LEU B 25 14.07 -19.24 -40.53
N SER B 26 15.28 -19.68 -40.85
CA SER B 26 16.36 -19.70 -39.89
C SER B 26 17.20 -18.44 -40.09
N PHE B 27 17.65 -17.84 -38.99
CA PHE B 27 18.50 -16.67 -39.07
C PHE B 27 19.45 -16.56 -37.88
N GLN B 28 20.20 -15.46 -37.82
CA GLN B 28 21.17 -15.23 -36.75
C GLN B 28 21.11 -13.81 -36.23
N LYS B 29 21.76 -13.58 -35.09
CA LYS B 29 21.77 -12.28 -34.44
C LYS B 29 22.41 -11.22 -35.33
N GLY B 30 21.61 -10.21 -35.70
CA GLY B 30 22.11 -9.12 -36.51
C GLY B 30 21.61 -9.15 -37.95
N ASP B 31 21.09 -10.30 -38.37
CA ASP B 31 20.55 -10.45 -39.72
C ASP B 31 19.38 -9.50 -39.95
N GLN B 32 19.29 -8.96 -41.17
CA GLN B 32 18.18 -8.09 -41.53
C GLN B 32 17.18 -8.82 -42.42
N MET B 33 15.92 -8.41 -42.35
CA MET B 33 14.88 -9.00 -43.18
C MET B 33 13.73 -8.03 -43.43
N VAL B 34 13.04 -8.21 -44.55
CA VAL B 34 11.99 -7.29 -44.98
C VAL B 34 10.61 -7.80 -44.59
N VAL B 35 9.92 -7.05 -43.73
CA VAL B 35 8.58 -7.43 -43.28
C VAL B 35 7.56 -7.39 -44.42
N LEU B 36 6.88 -8.51 -44.63
CA LEU B 36 5.90 -8.64 -45.71
C LEU B 36 4.48 -8.62 -45.16
N GLU B 37 4.26 -9.37 -44.08
CA GLU B 37 2.95 -9.46 -43.44
C GLU B 37 3.07 -9.59 -41.93
N GLU B 38 2.14 -8.96 -41.21
CA GLU B 38 2.14 -9.01 -39.76
C GLU B 38 0.96 -9.80 -39.20
N SER B 39 1.23 -11.03 -38.78
CA SER B 39 0.18 -11.93 -38.31
C SER B 39 0.28 -12.18 -36.81
N GLY B 40 0.65 -11.15 -36.06
CA GLY B 40 0.76 -11.25 -34.62
C GLY B 40 2.09 -11.82 -34.15
N GLU B 41 2.05 -13.01 -33.54
CA GLU B 41 3.26 -13.65 -33.02
C GLU B 41 4.17 -14.12 -34.15
N TRP B 42 3.59 -14.40 -35.30
CA TRP B 42 4.37 -14.82 -36.47
C TRP B 42 4.29 -13.78 -37.59
N TRP B 43 5.45 -13.43 -38.14
CA TRP B 43 5.51 -12.47 -39.23
C TRP B 43 6.11 -13.08 -40.49
N LYS B 44 5.53 -12.75 -41.64
CA LYS B 44 6.08 -13.18 -42.91
C LYS B 44 7.12 -12.17 -43.39
N ALA B 45 8.34 -12.63 -43.61
CA ALA B 45 9.42 -11.74 -44.01
C ALA B 45 10.40 -12.40 -44.97
N ARG B 46 11.18 -11.58 -45.67
CA ARG B 46 12.23 -12.08 -46.54
C ARG B 46 13.61 -11.75 -45.98
N SER B 47 14.39 -12.79 -45.69
CA SER B 47 15.74 -12.62 -45.18
C SER B 47 16.64 -11.92 -46.20
N LEU B 48 17.10 -10.72 -45.86
CA LEU B 48 17.99 -9.96 -46.74
C LEU B 48 19.33 -10.67 -46.95
N ALA B 49 19.58 -11.72 -46.18
CA ALA B 49 20.81 -12.49 -46.29
C ALA B 49 20.66 -13.69 -47.22
N THR B 50 19.51 -14.36 -47.16
CA THR B 50 19.28 -15.57 -47.95
C THR B 50 18.23 -15.36 -49.04
N ARG B 51 17.55 -14.21 -48.99
CA ARG B 51 16.51 -13.85 -49.96
C ARG B 51 15.30 -14.80 -49.90
N LYS B 52 15.29 -15.69 -48.93
CA LYS B 52 14.18 -16.61 -48.74
C LYS B 52 13.06 -15.92 -47.98
N GLU B 53 11.84 -16.04 -48.50
CA GLU B 53 10.66 -15.58 -47.78
C GLU B 53 10.21 -16.69 -46.84
N GLY B 54 9.66 -16.31 -45.69
CA GLY B 54 9.19 -17.29 -44.72
C GLY B 54 8.67 -16.64 -43.46
N TYR B 55 8.50 -17.43 -42.41
CA TYR B 55 7.94 -16.92 -41.16
C TYR B 55 8.99 -16.76 -40.06
N ILE B 56 8.83 -15.71 -39.26
CA ILE B 56 9.70 -15.45 -38.12
C ILE B 56 8.86 -15.03 -36.92
N PRO B 57 9.34 -15.34 -35.70
CA PRO B 57 8.68 -14.84 -34.49
C PRO B 57 8.85 -13.34 -34.35
N SER B 58 7.77 -12.63 -34.04
CA SER B 58 7.81 -11.17 -33.97
C SER B 58 8.71 -10.66 -32.85
N ASN B 59 8.79 -11.42 -31.75
CA ASN B 59 9.55 -11.00 -30.58
C ASN B 59 11.05 -11.32 -30.66
N TYR B 60 11.49 -11.76 -31.84
CA TYR B 60 12.91 -12.03 -32.06
C TYR B 60 13.54 -10.93 -32.90
N VAL B 61 12.71 -10.02 -33.38
CA VAL B 61 13.18 -8.91 -34.21
C VAL B 61 12.64 -7.58 -33.70
N ALA B 62 13.20 -6.49 -34.22
CA ALA B 62 12.72 -5.15 -33.93
C ALA B 62 13.06 -4.25 -35.11
N ARG B 63 12.45 -3.08 -35.16
CA ARG B 63 12.75 -2.12 -36.23
C ARG B 63 14.23 -1.77 -36.25
N VAL B 64 14.77 -1.55 -37.44
CA VAL B 64 16.19 -1.24 -37.60
C VAL B 64 16.55 0.08 -36.92
N ASP B 65 17.60 0.05 -36.10
CA ASP B 65 18.06 1.20 -35.33
C ASP B 65 16.97 1.75 -34.40
N SER B 66 16.09 0.87 -33.96
CA SER B 66 15.15 1.19 -32.90
C SER B 66 15.91 1.09 -31.57
N LEU B 67 15.21 1.33 -30.47
CA LEU B 67 15.85 1.33 -29.17
C LEU B 67 16.10 -0.10 -28.67
N GLU B 68 15.20 -1.00 -29.02
CA GLU B 68 15.30 -2.40 -28.59
C GLU B 68 16.48 -3.11 -29.23
N THR B 69 17.04 -2.50 -30.26
CA THR B 69 18.20 -3.05 -30.95
C THR B 69 19.44 -2.96 -30.07
N GLU B 70 19.39 -2.06 -29.09
CA GLU B 70 20.51 -1.87 -28.17
C GLU B 70 20.49 -2.90 -27.05
N GLU B 71 21.66 -3.37 -26.65
CA GLU B 71 21.78 -4.42 -25.65
C GLU B 71 21.44 -3.94 -24.24
N TRP B 72 21.34 -2.63 -24.07
CA TRP B 72 21.06 -2.03 -22.77
C TRP B 72 19.63 -1.53 -22.62
N PHE B 73 18.79 -1.76 -23.65
CA PHE B 73 17.40 -1.36 -23.57
C PHE B 73 16.46 -2.55 -23.38
N PHE B 74 15.51 -2.40 -22.47
CA PHE B 74 14.57 -3.46 -22.12
C PHE B 74 13.14 -2.95 -22.15
N LYS B 75 12.44 -3.21 -23.26
CA LYS B 75 11.09 -2.70 -23.48
C LYS B 75 10.03 -3.41 -22.64
N GLY B 76 9.19 -2.63 -21.96
CA GLY B 76 8.06 -3.16 -21.22
C GLY B 76 8.42 -3.86 -19.93
N ILE B 77 9.57 -3.51 -19.37
CA ILE B 77 10.01 -4.11 -18.11
C ILE B 77 9.58 -3.25 -16.93
N SER B 78 8.86 -3.86 -15.98
CA SER B 78 8.44 -3.16 -14.78
C SER B 78 9.63 -2.90 -13.86
N ARG B 79 9.48 -1.98 -12.92
CA ARG B 79 10.56 -1.65 -12.00
C ARG B 79 10.99 -2.88 -11.19
N LYS B 80 10.03 -3.76 -10.90
CA LYS B 80 10.30 -4.96 -10.13
C LYS B 80 11.02 -6.03 -10.96
N ASP B 81 10.57 -6.24 -12.19
CA ASP B 81 11.19 -7.20 -13.10
C ASP B 81 12.63 -6.80 -13.39
N ALA B 82 12.87 -5.50 -13.50
CA ALA B 82 14.22 -4.97 -13.70
C ALA B 82 15.12 -5.37 -12.55
N GLU B 83 14.61 -5.23 -11.33
CA GLU B 83 15.33 -5.63 -10.14
C GLU B 83 15.57 -7.14 -10.13
N ARG B 84 14.57 -7.90 -10.59
CA ARG B 84 14.67 -9.35 -10.63
C ARG B 84 15.73 -9.84 -11.62
N GLN B 85 15.88 -9.11 -12.72
CA GLN B 85 16.82 -9.52 -13.77
C GLN B 85 18.27 -9.11 -13.47
N LEU B 86 18.44 -7.98 -12.80
CA LEU B 86 19.77 -7.51 -12.44
C LEU B 86 20.37 -8.33 -11.30
N LEU B 87 19.51 -8.79 -10.40
CA LEU B 87 19.95 -9.63 -9.28
C LEU B 87 20.06 -11.09 -9.69
N ALA B 88 19.65 -11.39 -10.92
CA ALA B 88 19.75 -12.75 -11.46
C ALA B 88 21.23 -13.15 -11.63
N PRO B 89 21.52 -14.46 -11.55
CA PRO B 89 22.89 -14.93 -11.71
C PRO B 89 23.49 -14.61 -13.07
N GLY B 90 24.69 -14.05 -13.09
CA GLY B 90 25.35 -13.69 -14.32
C GLY B 90 25.68 -12.22 -14.42
N ASN B 91 25.39 -11.48 -13.35
CA ASN B 91 25.63 -10.04 -13.32
C ASN B 91 26.40 -9.62 -12.07
N MET B 92 27.30 -8.65 -12.21
CA MET B 92 28.02 -8.11 -11.06
C MET B 92 27.63 -6.64 -10.85
N LEU B 93 28.41 -5.90 -10.08
CA LEU B 93 28.17 -4.48 -9.92
C LEU B 93 28.26 -3.76 -11.25
N GLY B 94 27.51 -2.67 -11.39
CA GLY B 94 27.50 -1.91 -12.62
C GLY B 94 26.56 -2.47 -13.66
N SER B 95 26.14 -3.72 -13.46
CA SER B 95 25.16 -4.35 -14.35
C SER B 95 23.91 -3.50 -14.38
N PHE B 96 23.52 -3.08 -15.59
CA PHE B 96 22.48 -2.08 -15.72
C PHE B 96 21.54 -2.35 -16.89
N MET B 97 20.53 -1.50 -17.02
CA MET B 97 19.58 -1.55 -18.12
C MET B 97 18.82 -0.23 -18.21
N ILE B 98 18.45 0.15 -19.42
CA ILE B 98 17.55 1.29 -19.60
C ILE B 98 16.20 0.75 -20.06
N ARG B 99 15.13 1.17 -19.38
CA ARG B 99 13.82 0.61 -19.62
C ARG B 99 12.73 1.67 -19.65
N ASP B 100 11.56 1.30 -20.17
CA ASP B 100 10.41 2.18 -20.12
C ASP B 100 9.99 2.41 -18.68
N SER B 101 9.86 3.68 -18.31
CA SER B 101 9.35 4.03 -16.99
C SER B 101 7.92 3.53 -16.86
N GLU B 102 7.59 2.95 -15.72
CA GLU B 102 6.26 2.37 -15.53
C GLU B 102 5.35 3.31 -14.73
N THR B 103 5.93 4.36 -14.17
CA THR B 103 5.16 5.35 -13.44
C THR B 103 5.04 6.65 -14.23
N THR B 104 5.90 6.80 -15.23
CA THR B 104 5.85 7.94 -16.13
C THR B 104 5.84 7.44 -17.57
N LYS B 105 4.64 7.29 -18.14
CA LYS B 105 4.50 6.74 -19.49
C LYS B 105 5.02 7.69 -20.57
N GLY B 106 5.82 7.14 -21.47
CA GLY B 106 6.44 7.94 -22.52
C GLY B 106 7.86 8.33 -22.16
N SER B 107 8.34 7.80 -21.03
CA SER B 107 9.66 8.14 -20.54
C SER B 107 10.48 6.90 -20.20
N TYR B 108 11.76 7.10 -19.89
CA TYR B 108 12.66 5.99 -19.62
C TYR B 108 13.27 6.06 -18.22
N SER B 109 13.67 4.91 -17.69
CA SER B 109 14.32 4.84 -16.38
C SER B 109 15.59 4.00 -16.43
N LEU B 110 16.51 4.27 -15.52
CA LEU B 110 17.79 3.56 -15.47
C LEU B 110 17.92 2.73 -14.20
N SER B 111 18.17 1.44 -14.35
CA SER B 111 18.33 0.55 -13.20
C SER B 111 19.76 0.04 -13.11
N VAL B 112 20.40 0.26 -11.97
CA VAL B 112 21.80 -0.12 -11.79
C VAL B 112 21.98 -1.06 -10.60
N ARG B 113 22.86 -2.05 -10.75
CA ARG B 113 23.15 -2.98 -9.67
C ARG B 113 24.22 -2.42 -8.74
N ASP B 114 23.92 -2.39 -7.45
CA ASP B 114 24.80 -1.77 -6.47
C ASP B 114 25.06 -2.70 -5.28
N TYR B 115 26.13 -2.44 -4.54
CA TYR B 115 26.40 -3.16 -3.31
C TYR B 115 26.48 -2.20 -2.13
N ASP B 116 25.69 -2.48 -1.10
CA ASP B 116 25.75 -1.78 0.17
C ASP B 116 25.98 -2.83 1.26
N PRO B 117 26.80 -2.50 2.27
CA PRO B 117 27.14 -3.51 3.29
C PRO B 117 25.95 -3.94 4.16
N ARG B 118 25.02 -3.03 4.43
CA ARG B 118 23.89 -3.32 5.31
C ARG B 118 23.00 -4.43 4.74
N GLN B 119 22.50 -4.21 3.52
CA GLN B 119 21.93 -5.30 2.73
C GLN B 119 22.72 -5.38 1.43
N GLY B 120 23.31 -6.54 1.18
CA GLY B 120 24.28 -6.74 0.11
C GLY B 120 23.96 -6.23 -1.28
N ASP B 121 23.59 -7.13 -2.18
CA ASP B 121 23.27 -6.75 -3.54
C ASP B 121 21.87 -6.15 -3.65
N THR B 122 21.80 -4.92 -4.14
CA THR B 122 20.53 -4.25 -4.37
C THR B 122 20.49 -3.68 -5.78
N VAL B 123 19.32 -3.17 -6.17
CA VAL B 123 19.16 -2.50 -7.44
C VAL B 123 18.58 -1.10 -7.22
N LYS B 124 19.26 -0.10 -7.78
CA LYS B 124 18.82 1.29 -7.64
C LYS B 124 18.18 1.76 -8.94
N HIS B 125 17.23 2.69 -8.84
CA HIS B 125 16.50 3.15 -10.01
C HIS B 125 16.55 4.66 -10.19
N TYR B 126 16.80 5.10 -11.41
CA TYR B 126 16.92 6.53 -11.70
C TYR B 126 15.95 6.97 -12.78
N LYS B 127 15.27 8.09 -12.54
CA LYS B 127 14.41 8.69 -13.54
C LYS B 127 15.26 9.38 -14.59
N ILE B 128 14.91 9.21 -15.86
CA ILE B 128 15.58 9.94 -16.93
C ILE B 128 14.62 10.95 -17.55
N ARG B 129 14.72 12.20 -17.09
CA ARG B 129 13.87 13.28 -17.60
C ARG B 129 14.21 13.54 -19.05
N THR B 130 13.18 13.54 -19.91
CA THR B 130 13.39 13.72 -21.35
C THR B 130 13.86 15.15 -21.69
N LEU B 131 13.37 16.12 -20.94
CA LEU B 131 13.62 17.54 -21.20
C LEU B 131 13.06 17.99 -22.55
N ASP B 132 13.12 19.28 -22.84
CA ASP B 132 12.73 19.83 -24.14
C ASP B 132 13.62 21.03 -24.41
N ASN B 133 14.46 21.06 -25.45
CA ASN B 133 14.66 20.10 -26.57
C ASN B 133 13.73 18.90 -26.95
N GLY B 134 13.88 17.70 -26.38
CA GLY B 134 14.82 17.33 -25.33
C GLY B 134 15.59 16.04 -25.58
N GLY B 135 16.81 15.99 -25.06
CA GLY B 135 17.69 14.85 -25.24
C GLY B 135 18.11 14.17 -23.96
N PHE B 136 17.20 14.16 -22.98
CA PHE B 136 17.37 13.43 -21.71
C PHE B 136 18.50 13.90 -20.79
N TYR B 137 18.31 13.64 -19.50
CA TYR B 137 19.33 13.85 -18.48
C TYR B 137 18.86 13.17 -17.19
N ILE B 138 19.79 12.90 -16.28
CA ILE B 138 19.43 12.38 -14.97
C ILE B 138 19.68 13.47 -13.93
N SER B 139 20.87 14.05 -13.98
CA SER B 139 21.17 15.27 -13.25
C SER B 139 21.14 16.42 -14.23
N PRO B 140 20.47 17.53 -13.87
CA PRO B 140 20.39 18.73 -14.72
C PRO B 140 21.78 19.25 -15.08
N ARG B 141 22.75 18.94 -14.22
CA ARG B 141 24.16 19.22 -14.46
C ARG B 141 24.60 18.65 -15.81
N SER B 142 24.71 17.34 -15.88
CA SER B 142 25.11 16.67 -17.13
C SER B 142 23.91 16.28 -17.97
N THR B 143 23.63 17.05 -19.02
CA THR B 143 22.56 16.75 -19.96
C THR B 143 23.14 16.15 -21.24
N PHE B 144 22.31 15.42 -21.98
CA PHE B 144 22.79 14.70 -23.16
C PHE B 144 21.92 14.91 -24.40
N SER B 145 22.18 14.13 -25.44
CA SER B 145 21.45 14.24 -26.70
C SER B 145 20.82 12.90 -27.09
N THR B 146 21.56 11.82 -26.85
CA THR B 146 21.06 10.47 -27.08
C THR B 146 21.21 9.65 -25.80
N LEU B 147 20.48 8.54 -25.72
CA LEU B 147 20.59 7.65 -24.58
C LEU B 147 21.92 6.90 -24.61
N GLN B 148 22.47 6.70 -25.80
CA GLN B 148 23.77 6.06 -25.96
C GLN B 148 24.86 6.91 -25.31
N GLU B 149 24.75 8.23 -25.48
CA GLU B 149 25.68 9.16 -24.85
C GLU B 149 25.54 9.09 -23.32
N LEU B 150 24.30 9.09 -22.86
CA LEU B 150 23.98 8.96 -21.44
C LEU B 150 24.67 7.73 -20.86
N VAL B 151 24.52 6.60 -21.54
CA VAL B 151 25.15 5.36 -21.12
C VAL B 151 26.66 5.46 -21.18
N ASP B 152 27.18 5.84 -22.34
CA ASP B 152 28.63 5.97 -22.55
C ASP B 152 29.33 6.84 -21.51
N HIS B 153 28.62 7.84 -20.99
CA HIS B 153 29.15 8.71 -19.95
C HIS B 153 29.34 7.94 -18.64
N TYR B 154 28.24 7.48 -18.06
CA TYR B 154 28.26 6.87 -16.73
C TYR B 154 29.00 5.53 -16.66
N LYS B 155 29.65 5.15 -17.75
CA LYS B 155 30.53 3.99 -17.76
C LYS B 155 31.96 4.42 -17.43
N LYS B 156 32.28 5.67 -17.76
CA LYS B 156 33.56 6.26 -17.37
C LYS B 156 33.64 6.28 -15.84
N GLY B 157 32.68 6.95 -15.23
CA GLY B 157 32.58 7.03 -13.79
C GLY B 157 31.22 7.53 -13.37
N ASN B 158 30.77 7.09 -12.19
CA ASN B 158 29.47 7.52 -11.66
C ASN B 158 29.44 9.00 -11.31
N ASP B 159 29.01 9.81 -12.27
CA ASP B 159 28.93 11.26 -12.07
C ASP B 159 27.73 11.62 -11.20
N GLY B 160 27.67 11.04 -10.00
CA GLY B 160 26.57 11.24 -9.09
C GLY B 160 25.82 9.95 -8.76
N LEU B 161 26.04 8.93 -9.59
CA LEU B 161 25.37 7.65 -9.39
C LEU B 161 25.93 6.89 -8.19
N CYS B 162 25.30 5.76 -7.87
CA CYS B 162 25.77 4.91 -6.78
C CYS B 162 26.79 3.91 -7.32
N GLN B 163 26.93 3.89 -8.64
CA GLN B 163 27.81 2.94 -9.29
C GLN B 163 28.07 3.35 -10.74
N LYS B 164 29.26 3.03 -11.26
CA LYS B 164 29.54 3.25 -12.66
C LYS B 164 28.95 2.11 -13.48
N LEU B 165 28.44 2.43 -14.67
CA LEU B 165 27.82 1.42 -15.52
C LEU B 165 28.88 0.47 -16.10
N SER B 166 28.80 -0.80 -15.74
CA SER B 166 29.73 -1.80 -16.27
C SER B 166 29.20 -2.43 -17.55
N VAL B 167 28.55 -3.57 -17.42
CA VAL B 167 28.03 -4.30 -18.57
C VAL B 167 26.52 -4.45 -18.47
N PRO B 168 25.80 -4.29 -19.60
CA PRO B 168 24.35 -4.49 -19.64
C PRO B 168 23.89 -5.79 -19.00
N CYS B 169 22.64 -5.82 -18.54
CA CYS B 169 22.09 -6.99 -17.86
C CYS B 169 22.08 -8.21 -18.77
N MET B 170 22.24 -9.39 -18.18
CA MET B 170 22.15 -10.63 -18.93
C MET B 170 20.75 -10.78 -19.52
N SER B 171 20.69 -10.82 -20.85
CA SER B 171 19.42 -11.02 -21.54
C SER B 171 19.07 -12.50 -21.53
N SER B 172 18.08 -12.85 -22.35
CA SER B 172 17.63 -14.23 -22.47
C SER B 172 16.72 -14.38 -23.67
N LYS B 173 16.99 -15.37 -24.51
CA LYS B 173 16.15 -15.65 -25.67
C LYS B 173 14.74 -15.99 -25.22
N PRO B 174 13.75 -15.20 -25.66
CA PRO B 174 12.34 -15.40 -25.30
C PRO B 174 11.88 -16.75 -25.83
N GLN B 175 10.91 -17.37 -25.17
CA GLN B 175 10.42 -18.66 -25.62
C GLN B 175 9.79 -18.53 -27.01
N LYS B 176 10.04 -19.54 -27.84
CA LYS B 176 9.53 -19.55 -29.21
C LYS B 176 8.01 -19.61 -29.19
N PRO B 177 7.36 -18.76 -29.99
CA PRO B 177 5.89 -18.73 -30.04
C PRO B 177 5.34 -20.05 -30.56
N TRP B 178 4.13 -20.41 -30.12
CA TRP B 178 3.50 -21.66 -30.54
C TRP B 178 3.25 -21.65 -32.04
N GLU B 179 3.12 -22.84 -32.63
CA GLU B 179 2.85 -22.98 -34.05
C GLU B 179 1.59 -22.22 -34.44
N LYS B 180 1.63 -21.60 -35.62
CA LYS B 180 0.52 -20.76 -36.08
C LYS B 180 -0.73 -21.58 -36.37
N ASP B 181 -1.86 -21.08 -35.87
CA ASP B 181 -3.18 -21.70 -36.09
C ASP B 181 -3.28 -23.11 -35.49
N ALA B 182 -2.31 -23.48 -34.66
CA ALA B 182 -2.25 -24.81 -34.09
C ALA B 182 -2.84 -24.86 -32.68
N TRP B 183 -3.96 -24.17 -32.49
CA TRP B 183 -4.68 -24.25 -31.22
C TRP B 183 -5.25 -25.66 -31.05
N GLU B 184 -6.10 -26.05 -31.99
CA GLU B 184 -6.56 -27.44 -32.06
C GLU B 184 -5.53 -28.26 -32.82
N ILE B 185 -5.06 -29.34 -32.19
CA ILE B 185 -4.07 -30.21 -32.82
C ILE B 185 -4.52 -31.67 -32.77
N PRO B 186 -4.01 -32.48 -33.72
CA PRO B 186 -4.27 -33.93 -33.65
C PRO B 186 -3.37 -34.57 -32.60
N ARG B 187 -3.82 -35.67 -32.01
CA ARG B 187 -3.06 -36.34 -30.96
C ARG B 187 -1.73 -36.89 -31.50
N GLU B 188 -1.70 -37.19 -32.79
CA GLU B 188 -0.54 -37.77 -33.45
C GLU B 188 0.70 -36.86 -33.36
N SER B 189 0.46 -35.58 -33.14
CA SER B 189 1.54 -34.61 -33.01
C SER B 189 2.23 -34.73 -31.65
N LEU B 190 1.68 -35.57 -30.78
CA LEU B 190 2.16 -35.69 -29.41
C LEU B 190 2.81 -37.05 -29.14
N LYS B 191 3.88 -37.02 -28.36
CA LYS B 191 4.49 -38.25 -27.85
C LYS B 191 4.76 -38.06 -26.36
N LEU B 192 3.79 -38.45 -25.53
CA LEU B 192 3.92 -38.33 -24.09
C LEU B 192 5.00 -39.29 -23.60
N GLU B 193 6.10 -38.75 -23.11
CA GLU B 193 7.31 -39.53 -22.85
C GLU B 193 7.49 -39.97 -21.40
N LYS B 194 6.95 -39.19 -20.46
CA LYS B 194 7.09 -39.54 -19.04
C LYS B 194 5.96 -38.99 -18.19
N LYS B 195 5.33 -39.87 -17.41
CA LYS B 195 4.27 -39.47 -16.49
C LYS B 195 4.84 -38.66 -15.35
N LEU B 196 4.27 -37.48 -15.11
CA LEU B 196 4.75 -36.59 -14.07
C LEU B 196 3.83 -36.59 -12.85
N GLY B 197 2.53 -36.66 -13.10
CA GLY B 197 1.55 -36.67 -12.04
C GLY B 197 0.33 -37.49 -12.35
N ALA B 198 -0.25 -38.11 -11.32
CA ALA B 198 -1.45 -38.91 -11.48
C ALA B 198 -2.53 -38.46 -10.51
N GLY B 199 -3.54 -37.77 -11.04
CA GLY B 199 -4.60 -37.24 -10.22
C GLY B 199 -5.91 -37.99 -10.34
N GLN B 200 -6.91 -37.55 -9.58
CA GLN B 200 -8.24 -38.15 -9.61
C GLN B 200 -8.92 -37.84 -10.94
N PHE B 201 -8.55 -36.72 -11.53
CA PHE B 201 -9.21 -36.23 -12.74
C PHE B 201 -8.38 -36.43 -14.00
N GLY B 202 -7.14 -36.87 -13.83
CA GLY B 202 -6.28 -37.13 -14.97
C GLY B 202 -4.80 -37.28 -14.66
N GLU B 203 -3.98 -37.16 -15.70
CA GLU B 203 -2.53 -37.28 -15.56
C GLU B 203 -1.80 -36.09 -16.18
N VAL B 204 -0.57 -35.86 -15.72
CA VAL B 204 0.28 -34.84 -16.32
C VAL B 204 1.53 -35.51 -16.91
N TRP B 205 1.81 -35.24 -18.17
CA TRP B 205 2.91 -35.88 -18.88
C TRP B 205 3.92 -34.89 -19.45
N MET B 206 5.19 -35.29 -19.46
CA MET B 206 6.20 -34.57 -20.24
C MET B 206 6.14 -35.10 -21.65
N ALA B 207 5.77 -34.24 -22.59
CA ALA B 207 5.57 -34.68 -23.97
C ALA B 207 6.49 -33.96 -24.95
N THR B 208 6.27 -34.22 -26.23
CA THR B 208 7.03 -33.62 -27.30
C THR B 208 6.13 -33.36 -28.50
N TYR B 209 6.05 -32.10 -28.92
CA TYR B 209 5.21 -31.70 -30.04
C TYR B 209 6.01 -31.64 -31.34
N ASN B 210 5.73 -32.57 -32.24
CA ASN B 210 6.41 -32.66 -33.53
C ASN B 210 7.94 -32.69 -33.43
N LYS B 211 8.44 -33.52 -32.52
CA LYS B 211 9.87 -33.82 -32.38
C LYS B 211 10.78 -32.68 -31.91
N HIS B 212 10.35 -31.43 -32.05
CA HIS B 212 11.23 -30.30 -31.76
C HIS B 212 10.64 -29.29 -30.78
N THR B 213 9.67 -29.71 -29.98
CA THR B 213 9.07 -28.81 -29.00
C THR B 213 8.62 -29.54 -27.73
N LYS B 214 9.39 -29.37 -26.66
CA LYS B 214 9.08 -29.97 -25.37
C LYS B 214 7.93 -29.23 -24.68
N VAL B 215 6.90 -29.96 -24.30
CA VAL B 215 5.77 -29.37 -23.59
C VAL B 215 5.27 -30.29 -22.48
N ALA B 216 4.31 -29.81 -21.71
CA ALA B 216 3.64 -30.63 -20.71
C ALA B 216 2.19 -30.85 -21.14
N VAL B 217 1.67 -32.05 -20.89
CA VAL B 217 0.31 -32.38 -21.28
C VAL B 217 -0.50 -32.89 -20.11
N LYS B 218 -1.63 -32.25 -19.82
CA LYS B 218 -2.54 -32.75 -18.81
C LYS B 218 -3.68 -33.52 -19.46
N THR B 219 -3.58 -34.84 -19.43
CA THR B 219 -4.60 -35.71 -19.99
C THR B 219 -5.82 -35.72 -19.06
N MET B 220 -6.98 -35.38 -19.61
CA MET B 220 -8.19 -35.32 -18.81
C MET B 220 -9.03 -36.59 -18.92
N LYS B 221 -9.33 -37.21 -17.79
CA LYS B 221 -10.23 -38.36 -17.75
C LYS B 221 -11.67 -37.89 -17.92
N PRO B 222 -12.45 -38.61 -18.75
CA PRO B 222 -13.82 -38.23 -19.09
C PRO B 222 -14.77 -38.32 -17.91
N GLY B 223 -15.81 -37.49 -17.94
CA GLY B 223 -16.82 -37.49 -16.89
C GLY B 223 -17.96 -36.56 -17.26
N SER B 224 -18.27 -35.61 -16.38
CA SER B 224 -19.24 -34.56 -16.71
C SER B 224 -18.57 -33.53 -17.60
N MET B 225 -17.23 -33.62 -17.70
CA MET B 225 -16.48 -32.83 -18.65
C MET B 225 -16.90 -33.24 -20.06
N SER B 226 -17.96 -32.61 -20.56
CA SER B 226 -18.53 -33.00 -21.85
C SER B 226 -17.79 -32.35 -23.03
N VAL B 227 -18.26 -32.67 -24.23
CA VAL B 227 -17.65 -32.21 -25.48
C VAL B 227 -17.33 -30.72 -25.50
N GLU B 228 -18.36 -29.89 -25.55
CA GLU B 228 -18.19 -28.45 -25.60
C GLU B 228 -18.13 -27.84 -24.20
N ALA B 229 -18.30 -28.68 -23.18
CA ALA B 229 -18.24 -28.22 -21.80
C ALA B 229 -16.82 -27.81 -21.40
N PHE B 230 -15.87 -28.09 -22.28
CA PHE B 230 -14.47 -27.73 -22.05
C PHE B 230 -14.00 -26.69 -23.05
N LEU B 231 -14.06 -27.05 -24.34
CA LEU B 231 -13.56 -26.20 -25.42
C LEU B 231 -14.04 -24.75 -25.35
N ALA B 232 -15.20 -24.53 -24.77
CA ALA B 232 -15.71 -23.18 -24.54
C ALA B 232 -14.88 -22.49 -23.47
N GLU B 233 -14.91 -23.04 -22.27
CA GLU B 233 -14.17 -22.49 -21.13
C GLU B 233 -12.67 -22.45 -21.39
N ALA B 234 -12.18 -23.38 -22.20
CA ALA B 234 -10.77 -23.44 -22.54
C ALA B 234 -10.35 -22.30 -23.45
N ASN B 235 -11.22 -21.94 -24.39
CA ASN B 235 -10.94 -20.86 -25.31
C ASN B 235 -11.13 -19.49 -24.65
N VAL B 236 -11.65 -19.51 -23.43
CA VAL B 236 -11.78 -18.30 -22.61
C VAL B 236 -10.48 -18.10 -21.83
N MET B 237 -9.94 -19.20 -21.32
CA MET B 237 -8.68 -19.19 -20.59
C MET B 237 -7.51 -18.82 -21.49
N LYS B 238 -7.59 -19.25 -22.75
CA LYS B 238 -6.58 -18.94 -23.75
C LYS B 238 -6.43 -17.44 -23.96
N THR B 239 -7.51 -16.68 -23.71
CA THR B 239 -7.48 -15.23 -23.87
C THR B 239 -7.19 -14.52 -22.55
N LEU B 240 -6.74 -15.28 -21.56
CA LEU B 240 -6.39 -14.71 -20.26
C LEU B 240 -4.93 -14.99 -19.93
N GLN B 241 -4.04 -14.57 -20.81
CA GLN B 241 -2.61 -14.86 -20.68
C GLN B 241 -1.91 -13.83 -19.80
N HIS B 242 -0.87 -14.29 -19.12
CA HIS B 242 -0.08 -13.44 -18.23
C HIS B 242 1.26 -14.14 -17.99
N ASP B 243 2.30 -13.35 -17.74
CA ASP B 243 3.63 -13.88 -17.48
C ASP B 243 3.60 -14.81 -16.27
N LYS B 244 2.72 -14.51 -15.30
CA LYS B 244 2.63 -15.28 -14.08
C LYS B 244 1.55 -16.37 -14.09
N LEU B 245 0.94 -16.59 -15.25
CA LEU B 245 0.04 -17.72 -15.44
C LEU B 245 0.67 -18.73 -16.40
N VAL B 246 0.48 -20.01 -16.13
CA VAL B 246 1.04 -21.06 -16.99
C VAL B 246 0.51 -20.92 -18.41
N LYS B 247 1.41 -20.89 -19.38
CA LYS B 247 1.02 -20.66 -20.77
C LYS B 247 0.49 -21.95 -21.38
N LEU B 248 -0.81 -21.99 -21.66
CA LEU B 248 -1.41 -23.13 -22.34
C LEU B 248 -1.44 -22.92 -23.85
N HIS B 249 -0.88 -23.87 -24.58
CA HIS B 249 -0.64 -23.72 -26.01
C HIS B 249 -1.71 -24.33 -26.90
N ALA B 250 -1.92 -25.64 -26.76
CA ALA B 250 -2.81 -26.35 -27.67
C ALA B 250 -3.86 -27.20 -26.95
N VAL B 251 -4.65 -27.90 -27.73
CA VAL B 251 -5.74 -28.72 -27.21
C VAL B 251 -6.04 -29.89 -28.15
N VAL B 252 -6.42 -31.04 -27.58
CA VAL B 252 -6.88 -32.16 -28.37
C VAL B 252 -8.38 -32.35 -28.13
N THR B 253 -9.16 -32.22 -29.21
CA THR B 253 -10.62 -32.21 -29.10
C THR B 253 -11.25 -33.59 -28.91
N LYS B 254 -10.50 -34.64 -29.25
CA LYS B 254 -11.00 -36.00 -29.13
C LYS B 254 -10.93 -36.51 -27.70
N GLU B 255 -12.11 -36.69 -27.08
CA GLU B 255 -12.20 -37.25 -25.73
C GLU B 255 -11.51 -38.60 -25.69
N PRO B 256 -10.54 -38.80 -24.78
CA PRO B 256 -10.11 -37.92 -23.67
C PRO B 256 -9.31 -36.68 -24.11
N ILE B 257 -9.71 -35.53 -23.59
CA ILE B 257 -9.08 -34.25 -23.95
C ILE B 257 -7.65 -34.13 -23.41
N TYR B 258 -6.73 -33.70 -24.26
CA TYR B 258 -5.38 -33.36 -23.82
C TYR B 258 -5.22 -31.84 -23.77
N ILE B 259 -4.69 -31.34 -22.65
CA ILE B 259 -4.39 -29.91 -22.54
C ILE B 259 -2.88 -29.71 -22.60
N ILE B 260 -2.43 -28.98 -23.62
CA ILE B 260 -1.00 -28.75 -23.79
C ILE B 260 -0.59 -27.39 -23.26
N THR B 261 0.25 -27.39 -22.23
CA THR B 261 0.81 -26.17 -21.68
C THR B 261 2.31 -26.15 -21.89
N GLU B 262 2.97 -25.09 -21.44
CA GLU B 262 4.41 -25.00 -21.50
C GLU B 262 5.00 -25.88 -20.41
N PHE B 263 6.24 -26.35 -20.62
CA PHE B 263 6.90 -27.19 -19.63
C PHE B 263 7.60 -26.34 -18.58
N MET B 264 7.20 -26.51 -17.33
CA MET B 264 7.84 -25.83 -16.21
C MET B 264 8.87 -26.76 -15.58
N ALA B 265 10.13 -26.49 -15.84
CA ALA B 265 11.23 -27.39 -15.52
C ALA B 265 11.26 -27.96 -14.10
N LYS B 266 11.08 -27.10 -13.11
CA LYS B 266 11.23 -27.52 -11.72
C LYS B 266 9.91 -27.90 -11.02
N GLY B 267 8.97 -28.42 -11.79
CA GLY B 267 7.72 -28.96 -11.25
C GLY B 267 6.91 -27.98 -10.41
N SER B 268 6.18 -28.51 -9.43
CA SER B 268 5.34 -27.69 -8.58
C SER B 268 6.14 -27.01 -7.47
N LEU B 269 5.59 -25.91 -6.94
CA LEU B 269 6.25 -25.15 -5.89
C LEU B 269 6.33 -25.95 -4.60
N LEU B 270 5.29 -26.73 -4.33
CA LEU B 270 5.25 -27.58 -3.15
C LEU B 270 6.39 -28.60 -3.17
N ASP B 271 6.59 -29.22 -4.33
CA ASP B 271 7.66 -30.20 -4.48
C ASP B 271 9.04 -29.55 -4.54
N PHE B 272 9.08 -28.29 -4.93
CA PHE B 272 10.34 -27.57 -5.05
C PHE B 272 10.89 -27.14 -3.68
N LEU B 273 10.02 -26.58 -2.85
CA LEU B 273 10.41 -26.15 -1.51
C LEU B 273 10.82 -27.34 -0.65
N LYS B 274 10.26 -28.50 -0.97
CA LYS B 274 10.58 -29.73 -0.25
C LYS B 274 11.91 -30.33 -0.68
N SER B 275 12.40 -29.91 -1.85
CA SER B 275 13.67 -30.41 -2.37
C SER B 275 14.85 -29.80 -1.61
N ASP B 276 16.06 -30.14 -2.02
CA ASP B 276 17.25 -29.59 -1.38
C ASP B 276 17.55 -28.18 -1.88
N GLU B 277 17.35 -27.95 -3.18
CA GLU B 277 17.54 -26.63 -3.76
C GLU B 277 16.52 -25.65 -3.18
N GLY B 278 15.34 -26.16 -2.86
CA GLY B 278 14.28 -25.34 -2.27
C GLY B 278 14.59 -24.92 -0.85
N SER B 279 15.07 -25.85 -0.04
CA SER B 279 15.36 -25.58 1.37
C SER B 279 16.52 -24.60 1.54
N LYS B 280 17.29 -24.39 0.47
CA LYS B 280 18.43 -23.49 0.52
C LYS B 280 18.09 -22.13 -0.08
N GLN B 281 16.80 -21.87 -0.26
CA GLN B 281 16.33 -20.58 -0.74
C GLN B 281 16.10 -19.64 0.45
N PRO B 282 16.84 -18.53 0.50
CA PRO B 282 16.70 -17.54 1.58
C PRO B 282 15.30 -16.92 1.61
N LEU B 283 14.96 -16.30 2.73
CA LEU B 283 13.64 -15.70 2.92
C LEU B 283 13.23 -14.62 1.90
N PRO B 284 14.15 -13.69 1.55
CA PRO B 284 13.76 -12.71 0.53
C PRO B 284 13.40 -13.34 -0.81
N LYS B 285 13.93 -14.52 -1.09
CA LYS B 285 13.60 -15.23 -2.32
C LYS B 285 12.21 -15.84 -2.21
N LEU B 286 11.83 -16.22 -1.00
CA LEU B 286 10.50 -16.79 -0.74
C LEU B 286 9.43 -15.70 -0.88
N ILE B 287 9.72 -14.52 -0.35
CA ILE B 287 8.84 -13.36 -0.50
C ILE B 287 8.64 -13.06 -1.99
N ASP B 288 9.73 -13.16 -2.74
CA ASP B 288 9.70 -12.90 -4.18
C ASP B 288 8.75 -13.84 -4.90
N PHE B 289 8.79 -15.12 -4.52
CA PHE B 289 7.88 -16.11 -5.06
C PHE B 289 6.43 -15.66 -4.83
N SER B 290 6.13 -15.31 -3.59
CA SER B 290 4.80 -14.87 -3.19
C SER B 290 4.34 -13.67 -4.00
N ALA B 291 5.26 -12.75 -4.24
CA ALA B 291 4.95 -11.52 -4.97
C ALA B 291 4.62 -11.79 -6.44
N GLN B 292 5.13 -12.91 -6.97
CA GLN B 292 4.85 -13.29 -8.35
C GLN B 292 3.46 -13.92 -8.46
N ILE B 293 3.13 -14.78 -7.48
CA ILE B 293 1.81 -15.40 -7.42
C ILE B 293 0.75 -14.34 -7.20
N ALA B 294 1.07 -13.36 -6.36
CA ALA B 294 0.18 -12.24 -6.13
C ALA B 294 0.01 -11.40 -7.39
N GLU B 295 1.08 -11.29 -8.16
CA GLU B 295 1.05 -10.55 -9.43
C GLU B 295 0.08 -11.22 -10.41
N GLY B 296 0.02 -12.55 -10.36
CA GLY B 296 -0.89 -13.30 -11.21
C GLY B 296 -2.31 -13.22 -10.70
N MET B 297 -2.48 -13.40 -9.40
CA MET B 297 -3.82 -13.34 -8.78
C MET B 297 -4.44 -11.95 -8.91
N ALA B 298 -3.58 -10.93 -8.97
CA ALA B 298 -4.06 -9.56 -9.14
C ALA B 298 -4.58 -9.33 -10.55
N PHE B 299 -3.98 -10.03 -11.52
CA PHE B 299 -4.42 -9.97 -12.90
C PHE B 299 -5.77 -10.67 -13.04
N ILE B 300 -5.89 -11.85 -12.44
CA ILE B 300 -7.14 -12.59 -12.39
C ILE B 300 -8.20 -11.73 -11.71
N GLU B 301 -7.79 -11.08 -10.63
CA GLU B 301 -8.65 -10.16 -9.88
C GLU B 301 -9.18 -9.05 -10.78
N GLN B 302 -8.30 -8.53 -11.63
CA GLN B 302 -8.65 -7.46 -12.56
C GLN B 302 -9.70 -7.91 -13.57
N ARG B 303 -9.56 -9.13 -14.08
CA ARG B 303 -10.50 -9.67 -15.05
C ARG B 303 -11.75 -10.23 -14.37
N ASN B 304 -11.78 -10.15 -13.04
CA ASN B 304 -12.90 -10.60 -12.22
C ASN B 304 -13.15 -12.11 -12.22
N TYR B 305 -12.09 -12.88 -12.43
CA TYR B 305 -12.21 -14.35 -12.37
C TYR B 305 -11.79 -14.89 -11.02
N ILE B 306 -11.80 -16.22 -10.88
CA ILE B 306 -11.45 -16.89 -9.64
C ILE B 306 -10.64 -18.15 -9.93
N HIS B 307 -9.56 -18.37 -9.19
CA HIS B 307 -8.77 -19.59 -9.35
C HIS B 307 -9.46 -20.75 -8.64
N ARG B 308 -10.02 -20.47 -7.47
CA ARG B 308 -10.85 -21.41 -6.70
C ARG B 308 -10.07 -22.56 -6.03
N ASP B 309 -8.77 -22.66 -6.32
CA ASP B 309 -7.94 -23.67 -5.68
C ASP B 309 -6.48 -23.23 -5.55
N LEU B 310 -6.26 -22.16 -4.79
CA LEU B 310 -4.92 -21.62 -4.61
C LEU B 310 -4.13 -22.37 -3.54
N ARG B 311 -3.08 -23.06 -3.96
CA ARG B 311 -2.14 -23.71 -3.06
C ARG B 311 -0.84 -24.02 -3.79
N ALA B 312 0.20 -24.35 -3.03
CA ALA B 312 1.53 -24.60 -3.61
C ALA B 312 1.53 -25.75 -4.62
N ALA B 313 0.62 -26.69 -4.43
CA ALA B 313 0.48 -27.81 -5.36
C ALA B 313 0.08 -27.33 -6.74
N ASN B 314 -0.65 -26.22 -6.78
CA ASN B 314 -1.06 -25.60 -8.04
C ASN B 314 -0.22 -24.37 -8.38
N ILE B 315 1.07 -24.44 -8.11
CA ILE B 315 2.00 -23.39 -8.52
C ILE B 315 3.23 -24.04 -9.13
N LEU B 316 3.53 -23.69 -10.37
CA LEU B 316 4.66 -24.30 -11.08
C LEU B 316 5.88 -23.39 -11.06
N VAL B 317 7.06 -23.99 -11.14
CA VAL B 317 8.31 -23.24 -11.09
C VAL B 317 9.12 -23.40 -12.36
N SER B 318 9.66 -22.29 -12.87
CA SER B 318 10.49 -22.30 -14.07
C SER B 318 11.90 -22.76 -13.75
N ALA B 319 12.69 -23.01 -14.78
CA ALA B 319 14.09 -23.37 -14.61
C ALA B 319 14.86 -22.20 -14.02
N SER B 320 14.40 -20.99 -14.32
CA SER B 320 15.03 -19.77 -13.84
C SER B 320 14.34 -19.24 -12.57
N LEU B 321 13.63 -20.14 -11.88
CA LEU B 321 12.93 -19.81 -10.64
C LEU B 321 11.82 -18.75 -10.81
N VAL B 322 11.01 -18.90 -11.86
CA VAL B 322 9.84 -18.06 -12.03
C VAL B 322 8.59 -18.84 -11.64
N CYS B 323 7.81 -18.27 -10.73
CA CYS B 323 6.57 -18.93 -10.28
C CYS B 323 5.41 -18.56 -11.19
N LYS B 324 4.70 -19.58 -11.67
CA LYS B 324 3.51 -19.36 -12.49
C LYS B 324 2.30 -20.06 -11.88
N ILE B 325 1.11 -19.56 -12.22
CA ILE B 325 -0.12 -20.09 -11.67
C ILE B 325 -0.79 -21.08 -12.62
N ALA B 326 -0.83 -22.34 -12.19
CA ALA B 326 -1.62 -23.36 -12.86
C ALA B 326 -2.73 -23.72 -11.87
N ASP B 327 -3.90 -24.14 -12.36
CA ASP B 327 -4.21 -24.24 -13.77
C ASP B 327 -5.21 -23.16 -14.11
N PHE B 328 -6.07 -22.86 -13.13
CA PHE B 328 -7.05 -21.77 -13.23
C PHE B 328 -8.12 -21.98 -14.29
N GLY B 329 -9.36 -22.14 -13.83
CA GLY B 329 -10.48 -22.41 -14.73
C GLY B 329 -10.83 -23.87 -14.73
N LEU B 330 -9.87 -24.71 -14.38
CA LEU B 330 -10.08 -26.14 -14.26
C LEU B 330 -11.06 -26.44 -13.13
N ALA B 331 -11.04 -25.59 -12.11
CA ALA B 331 -11.92 -25.74 -10.96
C ALA B 331 -13.37 -25.48 -11.35
N ARG B 332 -13.57 -24.73 -12.43
CA ARG B 332 -14.91 -24.49 -12.95
C ARG B 332 -15.29 -25.58 -13.95
N VAL B 333 -14.55 -26.68 -13.91
CA VAL B 333 -14.84 -27.84 -14.74
C VAL B 333 -14.80 -29.10 -13.88
N ILE B 334 -15.20 -28.96 -12.63
CA ILE B 334 -15.18 -30.06 -11.67
C ILE B 334 -16.13 -31.18 -12.08
N PRO B 348 -9.16 -30.97 0.91
CA PRO B 348 -8.58 -29.76 0.29
C PRO B 348 -9.11 -28.48 0.93
N ILE B 349 -9.66 -28.59 2.13
CA ILE B 349 -10.33 -27.46 2.78
C ILE B 349 -9.42 -26.64 3.68
N LYS B 350 -8.19 -27.10 3.89
CA LYS B 350 -7.25 -26.37 4.73
C LYS B 350 -6.84 -25.05 4.10
N TRP B 351 -6.91 -25.00 2.76
CA TRP B 351 -6.63 -23.79 2.02
C TRP B 351 -7.91 -22.98 1.77
N THR B 352 -9.04 -23.55 2.17
CA THR B 352 -10.34 -22.96 1.83
C THR B 352 -10.88 -22.05 2.92
N ALA B 353 -11.37 -20.88 2.49
CA ALA B 353 -12.03 -19.93 3.39
C ALA B 353 -13.33 -20.52 3.93
N PRO B 354 -13.67 -20.19 5.18
CA PRO B 354 -14.87 -20.71 5.87
C PRO B 354 -16.17 -20.49 5.09
N GLU B 355 -16.37 -19.29 4.56
CA GLU B 355 -17.62 -18.97 3.85
C GLU B 355 -17.80 -19.79 2.57
N ALA B 356 -16.71 -20.40 2.09
CA ALA B 356 -16.77 -21.26 0.92
C ALA B 356 -16.88 -22.73 1.34
N ILE B 357 -16.52 -23.00 2.58
CA ILE B 357 -16.66 -24.35 3.15
C ILE B 357 -18.12 -24.60 3.54
N ASN B 358 -18.70 -23.61 4.21
CA ASN B 358 -20.07 -23.74 4.71
C ASN B 358 -21.14 -23.53 3.63
N PHE B 359 -20.93 -22.54 2.77
CA PHE B 359 -21.97 -22.15 1.82
C PHE B 359 -21.51 -22.19 0.36
N GLY B 360 -20.27 -22.63 0.14
CA GLY B 360 -19.75 -22.74 -1.20
C GLY B 360 -19.61 -21.39 -1.90
N SER B 361 -19.50 -20.34 -1.11
CA SER B 361 -19.39 -18.99 -1.65
C SER B 361 -17.93 -18.67 -2.01
N PHE B 362 -17.48 -19.20 -3.14
CA PHE B 362 -16.13 -18.94 -3.62
C PHE B 362 -16.04 -17.60 -4.35
N THR B 363 -15.30 -16.67 -3.77
CA THR B 363 -15.07 -15.37 -4.39
C THR B 363 -13.59 -15.10 -4.54
N ILE B 364 -13.24 -13.88 -4.95
CA ILE B 364 -11.84 -13.49 -5.04
C ILE B 364 -11.27 -13.27 -3.64
N LYS B 365 -12.17 -13.00 -2.69
CA LYS B 365 -11.78 -12.81 -1.30
C LYS B 365 -11.57 -14.16 -0.61
N SER B 366 -12.10 -15.22 -1.22
CA SER B 366 -11.89 -16.57 -0.71
C SER B 366 -10.57 -17.13 -1.22
N ASP B 367 -10.03 -16.49 -2.26
CA ASP B 367 -8.70 -16.83 -2.76
C ASP B 367 -7.64 -16.11 -1.95
N VAL B 368 -7.96 -14.89 -1.51
CA VAL B 368 -7.09 -14.12 -0.62
C VAL B 368 -6.79 -14.93 0.63
N TRP B 369 -7.82 -15.61 1.15
CA TRP B 369 -7.65 -16.53 2.26
C TRP B 369 -6.70 -17.65 1.86
N SER B 370 -6.99 -18.28 0.73
CA SER B 370 -6.15 -19.36 0.22
C SER B 370 -4.72 -18.90 0.01
N PHE B 371 -4.56 -17.65 -0.43
CA PHE B 371 -3.24 -17.09 -0.66
C PHE B 371 -2.49 -16.88 0.66
N GLY B 372 -3.23 -16.58 1.71
CA GLY B 372 -2.66 -16.41 3.03
C GLY B 372 -2.12 -17.74 3.56
N ILE B 373 -2.81 -18.81 3.21
CA ILE B 373 -2.39 -20.16 3.59
C ILE B 373 -1.18 -20.57 2.77
N LEU B 374 -1.18 -20.20 1.49
CA LEU B 374 -0.05 -20.47 0.61
C LEU B 374 1.19 -19.72 1.08
N LEU B 375 0.99 -18.52 1.61
CA LEU B 375 2.08 -17.72 2.15
C LEU B 375 2.78 -18.48 3.27
N MET B 376 1.97 -19.06 4.16
CA MET B 376 2.48 -19.90 5.23
C MET B 376 3.14 -21.15 4.66
N GLU B 377 2.49 -21.71 3.64
CA GLU B 377 2.97 -22.92 2.96
C GLU B 377 4.38 -22.67 2.41
N ILE B 378 4.58 -21.51 1.79
CA ILE B 378 5.88 -21.12 1.26
C ILE B 378 6.90 -20.92 2.37
N VAL B 379 6.51 -20.11 3.37
CA VAL B 379 7.38 -19.81 4.51
C VAL B 379 7.82 -21.07 5.25
N THR B 380 6.90 -22.02 5.40
CA THR B 380 7.19 -23.27 6.08
C THR B 380 7.79 -24.33 5.15
N TYR B 381 8.25 -23.88 3.99
CA TYR B 381 8.93 -24.74 3.02
C TYR B 381 8.11 -25.96 2.59
N GLY B 382 6.82 -25.77 2.39
CA GLY B 382 5.95 -26.82 1.89
C GLY B 382 5.28 -27.66 2.97
N ARG B 383 5.39 -27.22 4.22
CA ARG B 383 4.77 -27.93 5.33
C ARG B 383 3.25 -27.91 5.19
N ILE B 384 2.62 -29.05 5.45
CA ILE B 384 1.16 -29.13 5.42
C ILE B 384 0.55 -28.21 6.46
N PRO B 385 -0.37 -27.34 6.02
CA PRO B 385 -1.05 -26.36 6.89
C PRO B 385 -1.78 -27.03 8.05
N TYR B 386 -1.85 -26.35 9.19
CA TYR B 386 -2.46 -26.91 10.40
C TYR B 386 -1.89 -28.30 10.73
N PRO B 387 -0.59 -28.35 11.06
CA PRO B 387 0.08 -29.65 11.22
C PRO B 387 -0.41 -30.46 12.43
N GLY B 388 -1.12 -31.54 12.16
CA GLY B 388 -1.61 -32.42 13.21
C GLY B 388 -3.09 -32.30 13.47
N MET B 389 -3.80 -31.61 12.58
CA MET B 389 -5.24 -31.43 12.72
C MET B 389 -6.00 -32.12 11.59
N SER B 390 -6.98 -32.94 11.94
CA SER B 390 -7.89 -33.49 10.95
C SER B 390 -8.73 -32.35 10.42
N ASN B 391 -9.29 -32.53 9.23
CA ASN B 391 -10.15 -31.51 8.64
C ASN B 391 -11.28 -31.00 9.56
N PRO B 392 -11.96 -31.91 10.28
CA PRO B 392 -12.95 -31.43 11.25
C PRO B 392 -12.35 -30.59 12.38
N GLU B 393 -11.22 -31.01 12.93
CA GLU B 393 -10.55 -30.29 14.03
C GLU B 393 -10.30 -28.82 13.67
N VAL B 394 -10.05 -28.56 12.39
CA VAL B 394 -9.75 -27.22 11.91
C VAL B 394 -10.99 -26.32 11.84
N ILE B 395 -12.06 -26.84 11.24
CA ILE B 395 -13.29 -26.08 11.05
C ILE B 395 -13.81 -25.47 12.33
N ARG B 396 -13.86 -26.28 13.39
CA ARG B 396 -14.35 -25.83 14.69
C ARG B 396 -13.38 -24.85 15.33
N ALA B 397 -12.08 -25.04 15.08
CA ALA B 397 -11.06 -24.13 15.59
C ALA B 397 -11.18 -22.77 14.93
N LEU B 398 -11.51 -22.76 13.64
CA LEU B 398 -11.71 -21.50 12.92
C LEU B 398 -12.93 -20.75 13.44
N GLU B 399 -14.00 -21.50 13.72
CA GLU B 399 -15.20 -20.91 14.33
C GLU B 399 -14.89 -20.43 15.75
N ARG B 400 -13.95 -21.10 16.40
CA ARG B 400 -13.46 -20.66 17.70
C ARG B 400 -12.62 -19.39 17.54
N GLY B 401 -12.07 -19.20 16.36
CA GLY B 401 -11.27 -18.03 16.05
C GLY B 401 -9.78 -18.32 16.00
N TYR B 402 -9.43 -19.61 15.94
CA TYR B 402 -8.04 -20.02 15.90
C TYR B 402 -7.39 -19.72 14.55
N ARG B 403 -6.12 -19.36 14.58
CA ARG B 403 -5.34 -19.15 13.36
C ARG B 403 -3.99 -19.84 13.49
N MET B 404 -3.39 -20.19 12.36
CA MET B 404 -2.05 -20.78 12.36
C MET B 404 -1.06 -19.78 12.95
N PRO B 405 -0.25 -20.25 13.91
CA PRO B 405 0.69 -19.37 14.63
C PRO B 405 1.83 -18.90 13.74
N ARG B 406 2.61 -17.95 14.22
CA ARG B 406 3.77 -17.48 13.46
C ARG B 406 4.99 -18.37 13.71
N PRO B 407 5.52 -18.96 12.63
CA PRO B 407 6.77 -19.72 12.73
C PRO B 407 7.96 -18.79 13.00
N GLU B 408 9.14 -19.35 13.22
CA GLU B 408 10.30 -18.56 13.61
C GLU B 408 10.89 -17.76 12.45
N ASN B 409 11.01 -18.41 11.29
CA ASN B 409 11.58 -17.76 10.12
C ASN B 409 10.72 -16.62 9.58
N CYS B 410 9.40 -16.72 9.77
CA CYS B 410 8.48 -15.73 9.23
C CYS B 410 8.59 -14.37 9.91
N PRO B 411 8.77 -13.31 9.11
CA PRO B 411 8.78 -11.95 9.65
C PRO B 411 7.42 -11.59 10.24
N GLU B 412 7.44 -10.76 11.27
CA GLU B 412 6.24 -10.30 11.95
C GLU B 412 5.34 -9.58 10.96
N GLU B 413 5.94 -8.70 10.16
CA GLU B 413 5.22 -7.91 9.19
C GLU B 413 4.65 -8.78 8.08
N LEU B 414 5.25 -9.94 7.88
CA LEU B 414 4.74 -10.90 6.90
C LEU B 414 3.59 -11.72 7.46
N TYR B 415 3.72 -12.12 8.72
CA TYR B 415 2.67 -12.87 9.39
C TYR B 415 1.39 -12.05 9.49
N ASN B 416 1.55 -10.74 9.66
CA ASN B 416 0.40 -9.84 9.77
C ASN B 416 -0.39 -9.73 8.46
N ILE B 417 0.27 -10.06 7.36
CA ILE B 417 -0.40 -10.09 6.05
C ILE B 417 -1.29 -11.32 5.95
N MET B 418 -0.79 -12.45 6.43
CA MET B 418 -1.55 -13.69 6.46
C MET B 418 -2.82 -13.53 7.28
N MET B 419 -2.70 -12.86 8.42
CA MET B 419 -3.83 -12.62 9.32
C MET B 419 -4.90 -11.77 8.65
N ARG B 420 -4.47 -10.79 7.86
CA ARG B 420 -5.39 -9.95 7.11
C ARG B 420 -6.06 -10.75 6.00
N CYS B 421 -5.38 -11.77 5.51
CA CYS B 421 -5.95 -12.68 4.53
C CYS B 421 -6.93 -13.61 5.20
N TRP B 422 -6.82 -13.72 6.53
CA TRP B 422 -7.64 -14.64 7.29
C TRP B 422 -8.74 -13.96 8.09
N LYS B 423 -9.09 -12.74 7.70
CA LYS B 423 -10.23 -12.05 8.29
C LYS B 423 -11.51 -12.85 8.04
N ASN B 424 -12.38 -12.91 9.04
CA ASN B 424 -13.62 -13.68 8.93
C ASN B 424 -14.54 -13.11 7.85
N ARG B 425 -14.57 -11.79 7.76
CA ARG B 425 -15.40 -11.11 6.77
C ARG B 425 -14.59 -10.80 5.52
N PRO B 426 -14.95 -11.44 4.39
CA PRO B 426 -14.28 -11.30 3.10
C PRO B 426 -14.10 -9.85 2.65
N GLU B 427 -15.07 -9.00 2.97
CA GLU B 427 -15.00 -7.59 2.63
C GLU B 427 -13.85 -6.87 3.31
N GLU B 428 -13.47 -7.33 4.51
CA GLU B 428 -12.36 -6.75 5.24
C GLU B 428 -11.04 -7.46 4.95
N ARG B 429 -10.96 -8.13 3.80
CA ARG B 429 -9.73 -8.76 3.34
C ARG B 429 -9.14 -7.93 2.20
N PRO B 430 -7.80 -7.87 2.13
CA PRO B 430 -7.12 -7.03 1.15
C PRO B 430 -7.27 -7.54 -0.28
N THR B 431 -7.18 -6.65 -1.25
CA THR B 431 -7.16 -7.04 -2.66
C THR B 431 -5.77 -7.56 -3.01
N PHE B 432 -5.70 -8.36 -4.08
CA PHE B 432 -4.42 -8.87 -4.56
C PHE B 432 -3.57 -7.73 -5.11
N GLU B 433 -4.24 -6.68 -5.57
CA GLU B 433 -3.57 -5.47 -6.04
C GLU B 433 -2.72 -4.88 -4.92
N TYR B 434 -3.29 -4.84 -3.72
CA TYR B 434 -2.59 -4.32 -2.56
C TYR B 434 -1.53 -5.30 -2.04
N ILE B 435 -1.88 -6.57 -1.96
CA ILE B 435 -0.97 -7.59 -1.46
C ILE B 435 0.30 -7.68 -2.30
N GLN B 436 0.14 -7.66 -3.62
CA GLN B 436 1.27 -7.71 -4.53
C GLN B 436 2.21 -6.52 -4.32
N SER B 437 1.62 -5.34 -4.23
CA SER B 437 2.39 -4.10 -4.07
C SER B 437 3.21 -4.11 -2.78
N VAL B 438 2.62 -4.63 -1.71
CA VAL B 438 3.30 -4.72 -0.42
C VAL B 438 4.43 -5.75 -0.49
N LEU B 439 4.16 -6.88 -1.12
CA LEU B 439 5.16 -7.93 -1.28
C LEU B 439 6.24 -7.54 -2.28
N ASP B 440 5.87 -6.77 -3.30
CA ASP B 440 6.82 -6.30 -4.30
C ASP B 440 7.88 -5.38 -3.69
N ASP B 441 7.45 -4.51 -2.79
CA ASP B 441 8.37 -3.62 -2.10
C ASP B 441 8.34 -3.88 -0.59
N PHE B 442 8.69 -5.11 -0.22
CA PHE B 442 8.67 -5.54 1.17
C PHE B 442 9.88 -4.98 1.93
N TYR B 443 11.03 -4.94 1.25
CA TYR B 443 12.25 -4.44 1.86
C TYR B 443 12.57 -3.02 1.42
N THR B 444 11.67 -2.41 0.67
CA THR B 444 11.88 -1.06 0.15
C THR B 444 10.86 -0.06 0.68
N ALA B 445 11.35 1.01 1.31
CA ALA B 445 10.49 2.10 1.73
C ALA B 445 10.09 2.92 0.50
N THR B 446 8.90 3.51 0.56
CA THR B 446 8.32 4.20 -0.59
C THR B 446 9.24 5.27 -1.18
N GLU B 447 9.79 6.12 -0.32
CA GLU B 447 10.69 7.19 -0.76
C GLU B 447 11.97 6.64 -1.39
N SER B 448 12.31 5.40 -1.05
CA SER B 448 13.56 4.79 -1.51
C SER B 448 13.43 4.08 -2.86
N GLN B 449 12.22 4.07 -3.42
CA GLN B 449 11.99 3.40 -4.71
C GLN B 449 12.88 3.95 -5.81
N GLU B 451 15.92 6.96 -6.90
CA GLU B 451 17.00 7.74 -6.32
C GLU B 451 16.98 9.18 -6.80
N GLU B 452 17.06 10.11 -5.85
CA GLU B 452 17.15 11.53 -6.17
C GLU B 452 18.59 11.89 -6.51
N ILE B 453 18.76 12.93 -7.31
CA ILE B 453 20.09 13.35 -7.74
C ILE B 453 20.13 14.86 -8.03
N PRO B 454 21.08 15.57 -7.41
CA PRO B 454 21.26 17.01 -7.62
C PRO B 454 22.06 17.30 -8.90
#